data_1BD4
#
_entry.id   1BD4
#
_cell.length_a   60.390
_cell.length_b   141.770
_cell.length_c   71.460
_cell.angle_alpha   90.00
_cell.angle_beta   114.82
_cell.angle_gamma   90.00
#
_symmetry.space_group_name_H-M   'P 1 21 1'
#
loop_
_entity.id
_entity.type
_entity.pdbx_description
1 polymer 'URACIL PHOSPHORIBOSYLTRANSFERASE'
2 non-polymer 'PHOSPHATE ION'
3 non-polymer URACIL
4 water water
#
_entity_poly.entity_id   1
_entity_poly.type   'polypeptide(L)'
_entity_poly.pdbx_seq_one_letter_code
;AQVPASGKLLVDPRYSTNDQEESILQDIITRFPNVVLMKQTAQLRAMMTIIRDKETPKEEFVFYADRLIRLLIEEALNEL
PFQKKEVTTPLDVSYHGVSFYSKICGVSIVRAGESMESGLRAVCRGVRIGKILIQRDETTAEPKLIYEKLPADIRERWVM
LLDPMCATAGSVCKAIEVLLRLGVKEERIIFVNILAAPQGIERVFKEYPKVRMVTAAVDICLNSRYYIVPGIGDFGDRYF
GTM
;
_entity_poly.pdbx_strand_id   D,C,B,A
#
# COMPACT_ATOMS: atom_id res chain seq x y z
N GLN A 20 -17.80 17.27 30.14
CA GLN A 20 -18.00 18.35 29.16
C GLN A 20 -18.02 17.77 27.74
N GLU A 21 -17.08 16.86 27.49
CA GLU A 21 -16.93 16.18 26.19
C GLU A 21 -18.13 15.27 25.95
N GLU A 22 -18.32 14.35 26.89
CA GLU A 22 -19.40 13.38 26.83
C GLU A 22 -20.70 14.14 26.60
N SER A 23 -20.97 15.09 27.49
CA SER A 23 -22.13 15.97 27.45
C SER A 23 -22.19 16.63 26.08
N ILE A 24 -21.04 17.06 25.59
CA ILE A 24 -21.08 17.65 24.27
C ILE A 24 -21.37 16.57 23.22
N LEU A 25 -20.67 15.44 23.25
CA LEU A 25 -20.93 14.38 22.26
C LEU A 25 -22.39 13.96 22.21
N GLN A 26 -22.89 13.50 23.36
CA GLN A 26 -24.26 13.06 23.46
C GLN A 26 -25.25 14.06 22.88
N ASP A 27 -25.12 15.31 23.29
CA ASP A 27 -26.01 16.37 22.84
C ASP A 27 -26.12 16.48 21.31
N ILE A 28 -25.00 16.36 20.63
CA ILE A 28 -24.98 16.41 19.18
C ILE A 28 -25.81 15.22 18.69
N ILE A 29 -25.43 14.08 19.27
CA ILE A 29 -25.99 12.76 19.00
C ILE A 29 -27.50 12.83 19.15
N THR A 30 -27.94 13.25 20.33
CA THR A 30 -29.36 13.32 20.52
C THR A 30 -29.95 14.38 19.60
N ARG A 31 -29.28 15.51 19.51
CA ARG A 31 -29.73 16.59 18.64
C ARG A 31 -29.78 16.34 17.12
N PHE A 32 -28.79 15.66 16.53
CA PHE A 32 -28.83 15.42 15.08
C PHE A 32 -28.81 13.95 14.73
N PRO A 33 -29.99 13.45 14.37
CA PRO A 33 -30.19 12.04 14.07
C PRO A 33 -29.34 11.53 12.92
N ASN A 34 -29.03 12.45 12.01
CA ASN A 34 -28.22 12.13 10.84
C ASN A 34 -26.71 12.16 11.02
N VAL A 35 -26.19 12.44 12.20
CA VAL A 35 -24.75 12.42 12.27
C VAL A 35 -24.29 11.13 12.91
N VAL A 36 -23.36 10.42 12.28
CA VAL A 36 -22.83 9.24 12.93
C VAL A 36 -21.44 9.54 13.49
N LEU A 37 -21.27 9.19 14.75
CA LEU A 37 -20.05 9.44 15.44
C LEU A 37 -19.23 8.15 15.60
N MET A 38 -18.03 8.19 15.06
CA MET A 38 -17.16 7.05 15.14
C MET A 38 -16.94 6.60 16.58
N LYS A 39 -16.93 5.29 16.70
CA LYS A 39 -16.67 4.52 17.89
C LYS A 39 -15.44 5.06 18.64
N GLN A 40 -15.61 5.50 19.86
CA GLN A 40 -14.47 6.03 20.61
C GLN A 40 -13.56 5.06 21.35
N THR A 41 -12.91 4.21 20.57
CA THR A 41 -11.94 3.23 21.04
C THR A 41 -10.65 3.89 21.52
N ALA A 42 -9.92 3.19 22.38
CA ALA A 42 -8.68 3.72 22.92
C ALA A 42 -7.64 3.95 21.83
N GLN A 43 -7.74 3.13 20.79
CA GLN A 43 -6.83 3.22 19.67
C GLN A 43 -7.14 4.53 18.98
N LEU A 44 -8.43 4.73 18.67
CA LEU A 44 -8.90 5.95 17.99
C LEU A 44 -8.34 7.16 18.74
N ARG A 45 -8.40 7.11 20.07
CA ARG A 45 -7.88 8.22 20.85
C ARG A 45 -6.36 8.30 20.69
N ALA A 46 -5.67 7.15 20.76
CA ALA A 46 -4.22 7.14 20.57
C ALA A 46 -3.86 7.84 19.25
N MET A 47 -4.54 7.44 18.19
CA MET A 47 -4.31 8.04 16.88
C MET A 47 -4.48 9.56 16.99
N MET A 48 -5.65 10.03 17.45
CA MET A 48 -5.91 11.46 17.64
C MET A 48 -4.86 12.18 18.48
N THR A 49 -4.36 11.54 19.54
CA THR A 49 -3.37 12.23 20.32
C THR A 49 -2.08 12.52 19.53
N ILE A 50 -1.67 11.56 18.70
CA ILE A 50 -0.48 11.78 17.94
C ILE A 50 -0.78 12.85 16.89
N ILE A 51 -1.88 12.72 16.14
CA ILE A 51 -2.10 13.78 15.17
C ILE A 51 -2.36 15.16 15.74
N ARG A 52 -2.84 15.26 16.98
CA ARG A 52 -3.10 16.58 17.55
C ARG A 52 -1.82 17.14 18.15
N ASP A 53 -0.92 16.27 18.57
CA ASP A 53 0.30 16.75 19.16
C ASP A 53 1.08 17.68 18.22
N LYS A 54 1.26 18.90 18.70
CA LYS A 54 1.99 20.02 18.08
C LYS A 54 3.35 19.47 17.64
N GLU A 55 3.91 18.69 18.56
CA GLU A 55 5.22 18.10 18.45
C GLU A 55 5.36 16.92 17.53
N THR A 56 4.33 16.60 16.78
CA THR A 56 4.47 15.47 15.92
C THR A 56 5.11 15.81 14.60
N PRO A 57 6.12 15.02 14.25
CA PRO A 57 6.90 15.15 13.03
C PRO A 57 5.98 14.90 11.86
N LYS A 58 6.31 15.46 10.71
CA LYS A 58 5.46 15.29 9.56
C LYS A 58 5.26 13.86 9.04
N GLU A 59 6.32 13.06 9.05
CA GLU A 59 6.16 11.69 8.58
C GLU A 59 5.16 10.92 9.47
N GLU A 60 5.24 11.14 10.79
CA GLU A 60 4.32 10.47 11.69
C GLU A 60 2.88 10.94 11.48
N PHE A 61 2.69 12.27 11.48
CA PHE A 61 1.39 12.87 11.25
C PHE A 61 0.74 12.27 10.03
N VAL A 62 1.49 12.09 8.93
CA VAL A 62 0.78 11.53 7.77
C VAL A 62 0.47 10.06 7.92
N PHE A 63 1.33 9.39 8.65
CA PHE A 63 1.13 8.00 8.86
C PHE A 63 -0.17 7.80 9.62
N TYR A 64 -0.24 8.42 10.79
CA TYR A 64 -1.45 8.27 11.58
C TYR A 64 -2.71 8.83 10.94
N ALA A 65 -2.60 10.00 10.33
CA ALA A 65 -3.77 10.58 9.66
C ALA A 65 -4.35 9.60 8.65
N ASP A 66 -3.45 8.97 7.91
CA ASP A 66 -3.85 8.01 6.90
C ASP A 66 -4.55 6.77 7.50
N ARG A 67 -3.98 6.34 8.62
CA ARG A 67 -4.41 5.20 9.44
C ARG A 67 -5.89 5.50 9.80
N LEU A 68 -6.11 6.68 10.38
CA LEU A 68 -7.46 7.05 10.82
C LEU A 68 -8.42 7.19 9.68
N ILE A 69 -7.95 7.83 8.62
CA ILE A 69 -8.80 8.03 7.44
C ILE A 69 -9.41 6.73 6.93
N ARG A 70 -8.60 5.67 6.88
CA ARG A 70 -9.04 4.34 6.46
C ARG A 70 -10.21 3.88 7.35
N LEU A 71 -10.07 3.96 8.67
CA LEU A 71 -11.17 3.53 9.51
C LEU A 71 -12.40 4.43 9.31
N LEU A 72 -12.16 5.73 9.30
CA LEU A 72 -13.24 6.67 9.11
C LEU A 72 -14.00 6.37 7.83
N ILE A 73 -13.28 6.12 6.75
CA ILE A 73 -13.91 5.80 5.46
C ILE A 73 -14.73 4.51 5.51
N GLU A 74 -14.20 3.52 6.20
CA GLU A 74 -14.89 2.25 6.30
C GLU A 74 -16.25 2.47 6.99
N GLU A 75 -16.24 3.32 8.02
CA GLU A 75 -17.44 3.69 8.77
C GLU A 75 -18.49 4.29 7.83
N ALA A 76 -18.12 5.37 7.15
CA ALA A 76 -19.05 6.03 6.27
C ALA A 76 -19.62 5.16 5.19
N LEU A 77 -18.85 4.17 4.74
CA LEU A 77 -19.37 3.33 3.67
C LEU A 77 -20.58 2.56 4.14
N ASN A 78 -20.73 2.44 5.45
CA ASN A 78 -21.90 1.73 5.93
C ASN A 78 -23.20 2.53 5.73
N GLU A 79 -23.09 3.78 5.27
CA GLU A 79 -24.29 4.59 5.10
C GLU A 79 -24.86 4.46 3.72
N LEU A 80 -24.30 3.57 2.93
CA LEU A 80 -24.78 3.33 1.57
C LEU A 80 -25.79 2.21 1.70
N PRO A 81 -26.63 2.11 0.69
CA PRO A 81 -27.71 1.13 0.60
C PRO A 81 -27.30 -0.28 0.13
N PHE A 82 -28.05 -1.31 0.57
CA PHE A 82 -27.71 -2.66 0.15
C PHE A 82 -28.85 -3.63 0.07
N GLN A 83 -28.66 -4.57 -0.82
CA GLN A 83 -29.60 -5.59 -1.13
C GLN A 83 -29.15 -6.76 -0.28
N LYS A 84 -29.97 -7.81 -0.25
CA LYS A 84 -29.61 -9.01 0.49
C LYS A 84 -29.21 -10.01 -0.55
N LYS A 85 -28.14 -10.74 -0.26
CA LYS A 85 -27.62 -11.73 -1.20
C LYS A 85 -27.36 -13.02 -0.47
N GLU A 86 -27.78 -14.12 -1.08
CA GLU A 86 -27.53 -15.43 -0.49
C GLU A 86 -26.54 -16.09 -1.44
N VAL A 87 -25.42 -16.55 -0.91
CA VAL A 87 -24.47 -17.17 -1.81
C VAL A 87 -24.31 -18.57 -1.33
N THR A 88 -23.54 -19.29 -2.11
CA THR A 88 -23.30 -20.63 -1.74
C THR A 88 -21.82 -20.83 -1.52
N THR A 89 -21.54 -21.21 -0.28
CA THR A 89 -20.22 -21.45 0.24
C THR A 89 -19.53 -22.58 -0.51
N PRO A 90 -18.22 -22.71 -0.30
CA PRO A 90 -17.45 -23.76 -0.97
C PRO A 90 -17.87 -25.16 -0.47
N LEU A 91 -18.56 -25.20 0.67
CA LEU A 91 -19.06 -26.42 1.30
C LEU A 91 -20.48 -26.72 0.87
N ASP A 92 -20.82 -26.18 -0.29
CA ASP A 92 -22.14 -26.34 -0.91
C ASP A 92 -23.32 -25.99 -0.01
N VAL A 93 -23.13 -25.02 0.87
CA VAL A 93 -24.22 -24.60 1.76
C VAL A 93 -24.43 -23.11 1.61
N SER A 94 -25.67 -22.67 1.74
CA SER A 94 -26.00 -21.27 1.59
C SER A 94 -25.66 -20.34 2.71
N TYR A 95 -25.28 -19.15 2.30
CA TYR A 95 -24.97 -18.16 3.27
C TYR A 95 -25.83 -17.04 2.77
N HIS A 96 -26.24 -16.19 3.69
CA HIS A 96 -27.10 -15.10 3.34
C HIS A 96 -26.42 -13.85 3.77
N GLY A 97 -26.04 -13.04 2.82
CA GLY A 97 -25.39 -11.83 3.21
C GLY A 97 -26.11 -10.79 2.41
N VAL A 98 -25.37 -9.75 2.09
CA VAL A 98 -25.92 -8.66 1.33
C VAL A 98 -24.88 -8.19 0.35
N SER A 99 -25.27 -7.18 -0.42
CA SER A 99 -24.40 -6.57 -1.36
C SER A 99 -24.79 -5.11 -1.58
N PHE A 100 -23.78 -4.32 -1.91
CA PHE A 100 -24.01 -2.93 -2.15
C PHE A 100 -24.10 -2.81 -3.65
N TYR A 101 -25.19 -2.25 -4.13
CA TYR A 101 -25.40 -2.02 -5.55
C TYR A 101 -25.47 -0.50 -5.39
N SER A 102 -24.63 0.24 -6.10
CA SER A 102 -24.64 1.70 -5.93
C SER A 102 -23.52 2.36 -6.66
N LYS A 103 -23.91 3.35 -7.45
CA LYS A 103 -22.99 4.13 -8.22
C LYS A 103 -22.61 5.22 -7.25
N ILE A 104 -21.32 5.34 -6.93
CA ILE A 104 -20.87 6.39 -6.02
C ILE A 104 -19.73 7.18 -6.62
N CYS A 105 -19.08 7.98 -5.79
CA CYS A 105 -17.93 8.75 -6.20
C CYS A 105 -17.58 9.56 -4.98
N GLY A 106 -16.35 10.03 -4.93
CA GLY A 106 -15.95 10.84 -3.80
C GLY A 106 -15.80 12.26 -4.37
N VAL A 107 -15.95 13.30 -3.54
CA VAL A 107 -15.74 14.66 -4.00
C VAL A 107 -14.91 15.23 -2.91
N SER A 108 -13.78 15.81 -3.29
CA SER A 108 -12.91 16.31 -2.26
C SER A 108 -12.92 17.78 -2.33
N ILE A 109 -12.64 18.37 -1.19
CA ILE A 109 -12.60 19.79 -1.20
C ILE A 109 -11.11 20.10 -1.17
N VAL A 110 -10.68 20.85 -2.19
CA VAL A 110 -9.27 21.19 -2.27
C VAL A 110 -8.99 22.26 -1.26
N ARG A 111 -7.88 22.08 -0.55
CA ARG A 111 -7.00 20.96 -0.78
C ARG A 111 -6.99 19.86 0.33
N ALA A 112 -7.26 20.21 1.58
CA ALA A 112 -7.29 19.23 2.68
C ALA A 112 -8.06 17.90 2.46
N GLY A 113 -9.15 17.97 1.68
CA GLY A 113 -9.97 16.77 1.42
C GLY A 113 -9.34 15.80 0.47
N GLU A 114 -8.29 16.27 -0.18
CA GLU A 114 -7.59 15.44 -1.13
C GLU A 114 -6.81 14.39 -0.34
N SER A 115 -6.43 14.68 0.90
CA SER A 115 -5.71 13.74 1.76
C SER A 115 -6.53 12.48 2.04
N MET A 116 -7.83 12.55 1.73
CA MET A 116 -8.75 11.45 1.96
C MET A 116 -9.07 10.61 0.74
N GLU A 117 -8.81 11.13 -0.44
CA GLU A 117 -9.11 10.34 -1.64
C GLU A 117 -8.28 9.06 -1.71
N SER A 118 -7.09 9.11 -1.10
CA SER A 118 -6.23 7.95 -1.09
C SER A 118 -6.94 6.84 -0.34
N GLY A 119 -7.41 7.14 0.87
CA GLY A 119 -8.11 6.17 1.67
C GLY A 119 -9.26 5.63 0.86
N LEU A 120 -9.97 6.52 0.20
CA LEU A 120 -11.12 6.08 -0.57
C LEU A 120 -10.77 5.20 -1.73
N ARG A 121 -9.63 5.47 -2.35
CA ARG A 121 -9.26 4.69 -3.51
C ARG A 121 -8.72 3.36 -3.01
N ALA A 122 -8.23 3.35 -1.77
CA ALA A 122 -7.67 2.13 -1.19
C ALA A 122 -8.73 1.07 -0.92
N VAL A 123 -9.94 1.49 -0.58
CA VAL A 123 -10.98 0.50 -0.33
C VAL A 123 -11.93 0.26 -1.49
N CYS A 124 -12.12 1.26 -2.34
CA CYS A 124 -13.01 1.14 -3.51
C CYS A 124 -12.14 1.48 -4.71
N ARG A 125 -11.70 0.43 -5.40
CA ARG A 125 -10.80 0.51 -6.54
C ARG A 125 -11.31 1.27 -7.76
N GLY A 126 -10.52 2.24 -8.22
CA GLY A 126 -10.89 3.02 -9.40
C GLY A 126 -12.16 3.86 -9.22
N VAL A 127 -12.50 4.22 -7.99
CA VAL A 127 -13.68 5.01 -7.69
C VAL A 127 -13.54 6.41 -8.32
N ARG A 128 -14.55 6.88 -9.06
CA ARG A 128 -14.43 8.21 -9.67
C ARG A 128 -14.29 9.28 -8.57
N ILE A 129 -13.43 10.28 -8.82
CA ILE A 129 -13.14 11.36 -7.87
C ILE A 129 -13.35 12.72 -8.55
N GLY A 130 -14.14 13.58 -7.90
CA GLY A 130 -14.43 14.93 -8.34
C GLY A 130 -13.60 15.78 -7.37
N LYS A 131 -13.30 17.01 -7.78
CA LYS A 131 -12.58 17.95 -6.97
C LYS A 131 -13.29 19.33 -7.01
N ILE A 132 -13.29 20.04 -5.89
CA ILE A 132 -13.92 21.36 -5.78
C ILE A 132 -13.01 22.30 -4.99
N LEU A 133 -12.70 23.43 -5.59
CA LEU A 133 -11.83 24.39 -4.97
C LEU A 133 -12.67 25.62 -4.67
N ILE A 134 -12.74 25.95 -3.39
CA ILE A 134 -13.54 27.06 -2.91
C ILE A 134 -12.65 27.99 -2.17
N GLN A 135 -12.94 29.27 -2.31
CA GLN A 135 -12.13 30.30 -1.68
C GLN A 135 -13.00 31.34 -0.96
N ARG A 136 -12.67 31.57 0.32
CA ARG A 136 -13.38 32.56 1.11
C ARG A 136 -12.94 33.96 0.62
N ASP A 137 -13.86 34.71 0.03
CA ASP A 137 -13.55 36.04 -0.46
C ASP A 137 -12.81 36.92 0.58
N GLU A 138 -11.88 37.75 0.11
CA GLU A 138 -11.02 38.65 0.93
C GLU A 138 -11.63 39.89 1.61
N THR A 139 -12.64 40.48 0.96
CA THR A 139 -13.35 41.67 1.43
C THR A 139 -14.22 41.23 2.59
N THR A 140 -15.15 40.38 2.19
CA THR A 140 -16.12 39.76 3.04
C THR A 140 -15.39 38.51 3.51
N ALA A 141 -15.84 37.39 2.97
CA ALA A 141 -15.29 36.07 3.24
C ALA A 141 -16.34 35.08 2.78
N GLU A 142 -17.23 35.54 1.91
CA GLU A 142 -18.27 34.65 1.40
C GLU A 142 -17.55 33.62 0.56
N PRO A 143 -17.76 32.34 0.85
CA PRO A 143 -17.05 31.32 0.10
C PRO A 143 -17.40 31.47 -1.35
N LYS A 144 -16.37 31.30 -2.16
CA LYS A 144 -16.55 31.40 -3.60
C LYS A 144 -15.89 30.19 -4.25
N LEU A 145 -16.59 29.67 -5.23
CA LEU A 145 -16.15 28.49 -5.98
C LEU A 145 -15.04 28.83 -7.00
N ILE A 146 -13.81 28.43 -6.71
CA ILE A 146 -12.75 28.78 -7.66
C ILE A 146 -12.69 27.84 -8.82
N TYR A 147 -12.84 26.56 -8.52
CA TYR A 147 -12.68 25.55 -9.53
C TYR A 147 -13.36 24.26 -9.11
N GLU A 148 -13.77 23.50 -10.12
CA GLU A 148 -14.41 22.20 -9.90
C GLU A 148 -14.37 21.27 -11.12
N LYS A 149 -14.02 20.01 -10.90
CA LYS A 149 -14.01 19.03 -11.99
C LYS A 149 -14.63 17.75 -11.37
N LEU A 150 -15.86 17.47 -11.83
CA LEU A 150 -16.70 16.38 -11.34
C LEU A 150 -17.20 15.44 -12.41
N PRO A 151 -17.64 14.26 -11.97
CA PRO A 151 -18.14 13.28 -12.91
C PRO A 151 -19.30 13.88 -13.69
N ALA A 152 -19.49 13.36 -14.89
CA ALA A 152 -20.53 13.85 -15.73
C ALA A 152 -21.88 13.56 -15.11
N ASP A 153 -22.10 12.27 -14.88
CA ASP A 153 -23.34 11.70 -14.35
C ASP A 153 -23.52 11.76 -12.85
N ILE A 154 -22.97 12.78 -12.23
CA ILE A 154 -23.05 12.91 -10.79
C ILE A 154 -24.49 13.04 -10.22
N ARG A 155 -25.41 13.59 -11.02
CA ARG A 155 -26.80 13.79 -10.59
C ARG A 155 -27.35 12.46 -10.14
N GLU A 156 -26.79 11.41 -10.70
CA GLU A 156 -27.24 10.09 -10.36
C GLU A 156 -26.46 9.32 -9.33
N ARG A 157 -25.54 9.94 -8.61
CA ARG A 157 -24.74 9.18 -7.66
C ARG A 157 -24.80 9.51 -6.18
N TRP A 158 -24.25 8.59 -5.40
CA TRP A 158 -24.15 8.82 -3.99
C TRP A 158 -22.82 9.50 -3.96
N VAL A 159 -22.73 10.50 -3.09
CA VAL A 159 -21.55 11.31 -2.93
C VAL A 159 -20.83 11.24 -1.60
N MET A 160 -19.56 10.89 -1.69
CA MET A 160 -18.75 10.81 -0.51
C MET A 160 -18.01 12.12 -0.59
N LEU A 161 -18.52 13.06 0.18
CA LEU A 161 -17.96 14.40 0.26
C LEU A 161 -16.91 14.42 1.36
N LEU A 162 -15.71 14.85 0.98
CA LEU A 162 -14.54 14.80 1.83
C LEU A 162 -13.91 16.09 2.38
N ASP A 163 -13.91 16.25 3.69
CA ASP A 163 -13.31 17.41 4.29
C ASP A 163 -12.96 17.20 5.74
N PRO A 164 -11.73 16.81 6.02
CA PRO A 164 -11.30 16.59 7.41
C PRO A 164 -11.74 17.61 8.47
N MET A 165 -11.85 18.90 8.14
CA MET A 165 -12.25 19.86 9.16
C MET A 165 -13.55 20.57 8.84
N CYS A 166 -14.36 20.80 9.86
CA CYS A 166 -15.64 21.51 9.72
C CYS A 166 -15.79 22.49 10.86
N ALA A 167 -15.26 23.69 10.68
CA ALA A 167 -15.30 24.71 11.71
C ALA A 167 -16.61 25.51 11.60
N THR A 168 -16.70 26.39 10.61
CA THR A 168 -17.86 27.22 10.37
C THR A 168 -18.81 26.49 9.49
N ALA A 169 -18.25 25.57 8.72
CA ALA A 169 -19.03 24.81 7.74
C ALA A 169 -19.28 25.64 6.49
N GLY A 170 -18.64 26.81 6.43
CA GLY A 170 -18.77 27.67 5.25
C GLY A 170 -18.32 26.95 3.97
N SER A 171 -17.14 26.34 4.02
CA SER A 171 -16.66 25.62 2.82
C SER A 171 -17.61 24.50 2.33
N VAL A 172 -17.90 23.57 3.23
CA VAL A 172 -18.76 22.45 2.89
C VAL A 172 -20.22 22.79 2.50
N CYS A 173 -20.76 23.83 3.13
CA CYS A 173 -22.12 24.20 2.81
C CYS A 173 -22.12 24.72 1.41
N LYS A 174 -21.09 25.48 1.08
CA LYS A 174 -20.91 26.01 -0.27
C LYS A 174 -20.74 24.81 -1.20
N ALA A 175 -19.93 23.85 -0.79
CA ALA A 175 -19.72 22.65 -1.64
C ALA A 175 -21.05 21.91 -1.96
N ILE A 176 -21.88 21.78 -0.93
CA ILE A 176 -23.16 21.09 -1.08
C ILE A 176 -24.04 21.89 -1.99
N GLU A 177 -23.96 23.19 -1.83
CA GLU A 177 -24.72 24.12 -2.67
C GLU A 177 -24.52 23.81 -4.17
N VAL A 178 -23.27 23.77 -4.58
CA VAL A 178 -23.03 23.51 -5.99
C VAL A 178 -23.46 22.12 -6.41
N LEU A 179 -23.15 21.16 -5.55
CA LEU A 179 -23.54 19.76 -5.81
C LEU A 179 -25.04 19.74 -6.06
N LEU A 180 -25.78 20.42 -5.17
CA LEU A 180 -27.22 20.44 -5.33
C LEU A 180 -27.58 21.14 -6.60
N ARG A 181 -26.86 22.21 -6.95
CA ARG A 181 -27.20 22.88 -8.20
C ARG A 181 -27.03 21.98 -9.43
N LEU A 182 -26.11 21.02 -9.36
CA LEU A 182 -25.90 20.10 -10.49
C LEU A 182 -26.90 18.98 -10.57
N GLY A 183 -27.77 18.86 -9.59
CA GLY A 183 -28.75 17.78 -9.60
C GLY A 183 -28.54 16.66 -8.57
N VAL A 184 -27.54 16.80 -7.70
CA VAL A 184 -27.35 15.75 -6.73
C VAL A 184 -28.49 15.85 -5.70
N LYS A 185 -29.03 14.71 -5.29
CA LYS A 185 -30.07 14.69 -4.29
C LYS A 185 -29.36 14.80 -2.95
N GLU A 186 -29.85 15.72 -2.12
CA GLU A 186 -29.31 16.03 -0.79
C GLU A 186 -29.11 14.85 0.16
N GLU A 187 -30.07 13.94 0.10
CA GLU A 187 -30.15 12.72 0.90
C GLU A 187 -29.13 11.71 0.39
N ARG A 188 -28.51 12.01 -0.75
CA ARG A 188 -27.47 11.15 -1.29
C ARG A 188 -26.06 11.65 -0.96
N ILE A 189 -25.94 12.72 -0.18
CA ILE A 189 -24.62 13.21 0.21
C ILE A 189 -24.21 12.68 1.57
N ILE A 190 -23.02 12.08 1.60
CA ILE A 190 -22.47 11.55 2.84
C ILE A 190 -21.22 12.37 3.08
N PHE A 191 -21.26 13.16 4.13
CA PHE A 191 -20.15 14.01 4.50
C PHE A 191 -19.22 13.34 5.48
N VAL A 192 -18.04 13.00 4.99
CA VAL A 192 -17.02 12.37 5.79
C VAL A 192 -16.02 13.39 6.35
N ASN A 193 -15.86 13.36 7.66
CA ASN A 193 -14.93 14.24 8.36
C ASN A 193 -14.24 13.68 9.59
N ILE A 194 -13.11 14.26 9.91
CA ILE A 194 -12.38 13.78 11.07
C ILE A 194 -12.66 14.57 12.34
N LEU A 195 -12.81 15.86 12.20
CA LEU A 195 -12.97 16.72 13.35
C LEU A 195 -13.94 17.87 13.08
N ALA A 196 -14.89 18.04 13.99
CA ALA A 196 -15.87 19.10 13.84
C ALA A 196 -16.03 19.95 15.09
N ALA A 197 -16.70 21.06 14.91
CA ALA A 197 -17.03 21.98 16.00
C ALA A 197 -18.53 21.97 15.88
N PRO A 198 -19.15 21.84 17.04
CA PRO A 198 -20.60 21.81 17.20
C PRO A 198 -21.22 22.89 16.31
N GLN A 199 -20.65 24.09 16.38
CA GLN A 199 -21.15 25.17 15.58
C GLN A 199 -21.15 24.85 14.08
N GLY A 200 -20.15 24.13 13.60
CA GLY A 200 -20.18 23.81 12.17
C GLY A 200 -21.29 22.81 11.89
N ILE A 201 -21.50 21.86 12.82
CA ILE A 201 -22.52 20.82 12.68
C ILE A 201 -23.91 21.39 12.53
N GLU A 202 -24.23 22.32 13.43
CA GLU A 202 -25.55 22.95 13.40
C GLU A 202 -25.88 23.66 12.08
N ARG A 203 -24.93 24.43 11.54
CA ARG A 203 -25.17 25.13 10.29
C ARG A 203 -25.50 24.14 9.18
N VAL A 204 -24.63 23.15 9.04
CA VAL A 204 -24.84 22.17 7.99
C VAL A 204 -26.25 21.57 8.05
N PHE A 205 -26.66 21.10 9.22
CA PHE A 205 -27.98 20.49 9.33
C PHE A 205 -29.12 21.50 9.28
N LYS A 206 -28.84 22.73 9.70
CA LYS A 206 -29.86 23.77 9.61
C LYS A 206 -30.11 24.02 8.11
N GLU A 207 -29.03 24.16 7.34
CA GLU A 207 -29.15 24.37 5.91
C GLU A 207 -29.50 23.16 5.10
N TYR A 208 -28.88 22.00 5.38
CA TYR A 208 -29.15 20.76 4.60
C TYR A 208 -29.50 19.55 5.44
N PRO A 209 -30.56 19.72 6.21
CA PRO A 209 -31.07 18.72 7.12
C PRO A 209 -31.05 17.28 6.62
N LYS A 210 -31.24 17.08 5.33
CA LYS A 210 -31.24 15.71 4.78
C LYS A 210 -29.91 14.98 4.54
N VAL A 211 -28.77 15.63 4.72
CA VAL A 211 -27.51 14.93 4.47
C VAL A 211 -27.08 14.09 5.67
N ARG A 212 -26.07 13.25 5.49
CA ARG A 212 -25.54 12.41 6.58
C ARG A 212 -24.11 12.83 6.84
N MET A 213 -23.67 12.78 8.08
CA MET A 213 -22.33 13.19 8.38
C MET A 213 -21.62 12.25 9.32
N VAL A 214 -20.54 11.66 8.87
CA VAL A 214 -19.76 10.76 9.72
C VAL A 214 -18.49 11.52 10.17
N THR A 215 -18.23 11.55 11.46
CA THR A 215 -17.07 12.26 12.00
C THR A 215 -16.39 11.35 13.01
N ALA A 216 -15.23 11.74 13.51
CA ALA A 216 -14.56 10.89 14.45
C ALA A 216 -14.36 11.66 15.70
N ALA A 217 -14.80 12.91 15.73
CA ALA A 217 -14.58 13.72 16.93
C ALA A 217 -15.24 15.08 16.88
N VAL A 218 -15.72 15.54 18.05
CA VAL A 218 -16.33 16.86 18.16
C VAL A 218 -15.57 17.60 19.23
N ASP A 219 -15.14 18.80 18.89
CA ASP A 219 -14.38 19.61 19.83
C ASP A 219 -15.28 20.66 20.44
N ILE A 220 -14.70 21.38 21.40
CA ILE A 220 -15.33 22.43 22.18
C ILE A 220 -15.74 23.69 21.43
N CYS A 221 -14.81 24.59 21.18
CA CYS A 221 -15.14 25.82 20.45
C CYS A 221 -14.28 26.09 19.23
N LEU A 222 -14.48 27.31 18.75
CA LEU A 222 -13.77 27.81 17.60
C LEU A 222 -13.16 29.11 18.09
N ASN A 223 -12.05 29.54 17.48
CA ASN A 223 -11.44 30.78 17.91
C ASN A 223 -11.76 31.98 17.02
N SER A 224 -11.19 33.12 17.33
CA SER A 224 -11.48 34.32 16.56
C SER A 224 -10.89 34.13 15.18
N ARG A 225 -9.94 33.20 15.08
CA ARG A 225 -9.30 32.90 13.80
C ARG A 225 -10.00 31.76 13.12
N TYR A 226 -11.08 31.30 13.77
CA TYR A 226 -11.92 30.20 13.28
C TYR A 226 -11.25 28.83 13.34
N TYR A 227 -10.32 28.68 14.27
CA TYR A 227 -9.66 27.41 14.38
C TYR A 227 -10.34 26.67 15.46
N ILE A 228 -10.76 25.45 15.16
CA ILE A 228 -11.36 24.60 16.19
C ILE A 228 -10.38 24.34 17.37
N VAL A 229 -10.88 24.41 18.60
CA VAL A 229 -10.01 24.14 19.72
C VAL A 229 -10.68 23.06 20.56
N PRO A 230 -9.90 22.26 21.28
CA PRO A 230 -8.45 22.36 21.29
C PRO A 230 -7.87 22.07 19.88
N GLY A 231 -8.66 21.46 19.00
CA GLY A 231 -8.31 21.20 17.61
C GLY A 231 -7.04 20.47 17.16
N ILE A 232 -6.73 20.65 15.88
CA ILE A 232 -5.58 19.99 15.27
C ILE A 232 -4.61 20.99 14.58
N GLY A 233 -5.06 22.23 14.43
CA GLY A 233 -4.27 23.26 13.78
C GLY A 233 -4.68 23.26 12.30
N ASP A 234 -3.78 23.64 11.40
CA ASP A 234 -4.14 23.63 9.97
C ASP A 234 -3.89 22.21 9.41
N PHE A 235 -4.98 21.53 9.07
CA PHE A 235 -4.84 20.18 8.57
C PHE A 235 -4.00 20.07 7.27
N GLY A 236 -4.46 20.79 6.23
CA GLY A 236 -3.82 20.87 4.91
C GLY A 236 -2.32 21.18 5.03
N ASP A 237 -1.96 22.18 5.84
CA ASP A 237 -0.54 22.44 5.96
C ASP A 237 0.15 21.29 6.65
N ARG A 238 -0.50 20.70 7.66
CA ARG A 238 0.16 19.66 8.44
C ARG A 238 0.39 18.43 7.56
N TYR A 239 -0.65 18.05 6.84
CA TYR A 239 -0.55 16.88 5.98
C TYR A 239 0.39 17.01 4.77
N PHE A 240 0.29 18.09 4.00
CA PHE A 240 1.15 18.26 2.84
C PHE A 240 2.49 18.90 3.14
N GLY A 241 2.70 19.29 4.39
CA GLY A 241 3.96 19.89 4.78
C GLY A 241 4.24 21.27 4.22
N THR A 242 3.27 22.18 4.33
CA THR A 242 3.41 23.59 3.90
C THR A 242 3.16 24.61 5.07
N MET A 243 3.52 24.25 6.30
CA MET A 243 3.32 25.05 7.53
C MET A 243 3.34 26.60 7.57
N GLN B 20 38.64 -7.08 -6.65
CA GLN B 20 37.75 -5.97 -6.31
C GLN B 20 36.56 -5.85 -7.26
N GLU B 21 35.40 -5.55 -6.65
CA GLU B 21 34.11 -5.41 -7.29
C GLU B 21 34.03 -5.47 -8.81
N GLU B 22 34.48 -4.42 -9.49
CA GLU B 22 34.41 -4.43 -10.94
C GLU B 22 34.92 -5.67 -11.69
N SER B 23 35.93 -6.32 -11.14
CA SER B 23 36.43 -7.52 -11.79
C SER B 23 35.27 -8.50 -11.78
N ILE B 24 34.85 -8.79 -10.55
CA ILE B 24 33.79 -9.72 -10.28
C ILE B 24 32.62 -9.67 -11.21
N LEU B 25 31.88 -8.56 -11.21
CA LEU B 25 30.71 -8.46 -12.09
C LEU B 25 31.06 -8.77 -13.50
N GLN B 26 32.26 -8.34 -13.86
CA GLN B 26 32.72 -8.55 -15.21
C GLN B 26 32.85 -10.04 -15.52
N ASP B 27 33.49 -10.78 -14.60
CA ASP B 27 33.70 -12.21 -14.83
C ASP B 27 32.43 -13.04 -14.93
N ILE B 28 31.62 -12.93 -13.89
CA ILE B 28 30.37 -13.70 -13.83
C ILE B 28 29.35 -13.28 -14.89
N ILE B 29 29.32 -11.99 -15.17
CA ILE B 29 28.40 -11.49 -16.18
C ILE B 29 28.87 -12.17 -17.44
N THR B 30 30.19 -12.20 -17.57
CA THR B 30 30.87 -12.81 -18.71
C THR B 30 30.74 -14.32 -18.76
N ARG B 31 31.12 -14.96 -17.67
CA ARG B 31 31.03 -16.40 -17.63
C ARG B 31 29.64 -16.98 -17.59
N PHE B 32 28.70 -16.22 -17.01
CA PHE B 32 27.32 -16.68 -16.84
C PHE B 32 26.25 -15.80 -17.50
N PRO B 33 25.92 -16.11 -18.74
CA PRO B 33 24.94 -15.36 -19.54
C PRO B 33 23.47 -15.32 -19.13
N ASN B 34 23.12 -16.09 -18.11
CA ASN B 34 21.74 -16.13 -17.65
C ASN B 34 21.48 -15.33 -16.40
N VAL B 35 22.50 -14.69 -15.83
CA VAL B 35 22.20 -13.96 -14.64
C VAL B 35 21.95 -12.54 -15.10
N VAL B 36 21.05 -11.86 -14.41
CA VAL B 36 20.75 -10.50 -14.75
C VAL B 36 21.01 -9.69 -13.51
N LEU B 37 21.91 -8.74 -13.64
CA LEU B 37 22.29 -7.89 -12.53
C LEU B 37 21.43 -6.64 -12.74
N MET B 38 20.87 -6.06 -11.69
CA MET B 38 20.08 -4.84 -11.85
C MET B 38 21.01 -3.66 -12.10
N LYS B 39 20.50 -2.63 -12.75
CA LYS B 39 21.34 -1.47 -12.97
C LYS B 39 21.75 -0.89 -11.63
N GLN B 40 23.04 -0.73 -11.52
CA GLN B 40 23.62 -0.23 -10.31
C GLN B 40 23.47 1.26 -10.31
N THR B 41 22.28 1.73 -9.96
CA THR B 41 22.02 3.16 -9.91
C THR B 41 22.50 3.70 -8.58
N ALA B 42 22.54 5.01 -8.42
CA ALA B 42 22.98 5.59 -7.15
C ALA B 42 21.98 5.27 -6.02
N GLN B 43 20.71 5.28 -6.39
CA GLN B 43 19.59 4.99 -5.51
C GLN B 43 19.69 3.59 -4.93
N LEU B 44 19.90 2.64 -5.84
CA LEU B 44 20.10 1.23 -5.52
C LEU B 44 21.22 1.07 -4.49
N ARG B 45 22.35 1.70 -4.77
CA ARG B 45 23.46 1.62 -3.84
C ARG B 45 23.05 2.22 -2.51
N ALA B 46 22.41 3.40 -2.59
CA ALA B 46 21.91 4.15 -1.44
C ALA B 46 21.05 3.22 -0.57
N MET B 47 20.13 2.50 -1.22
CA MET B 47 19.26 1.54 -0.53
C MET B 47 20.10 0.46 0.14
N MET B 48 20.93 -0.18 -0.70
CA MET B 48 21.85 -1.22 -0.27
C MET B 48 22.63 -0.69 0.91
N THR B 49 23.00 0.58 0.85
CA THR B 49 23.80 1.13 1.92
C THR B 49 23.12 1.09 3.27
N ILE B 50 21.83 1.38 3.24
CA ILE B 50 21.06 1.39 4.47
C ILE B 50 20.85 -0.02 4.99
N ILE B 51 20.43 -0.90 4.08
CA ILE B 51 20.16 -2.29 4.48
C ILE B 51 21.35 -3.10 4.99
N ARG B 52 22.56 -2.72 4.57
CA ARG B 52 23.74 -3.44 5.01
C ARG B 52 24.24 -2.86 6.33
N ASP B 53 23.88 -1.61 6.58
CA ASP B 53 24.36 -0.99 7.78
C ASP B 53 23.85 -1.69 9.01
N LYS B 54 24.79 -2.20 9.80
CA LYS B 54 24.47 -2.91 11.03
C LYS B 54 23.76 -2.00 12.02
N GLU B 55 23.74 -0.69 11.78
CA GLU B 55 23.13 0.24 12.72
C GLU B 55 21.69 0.64 12.37
N THR B 56 21.26 0.24 11.18
CA THR B 56 19.93 0.53 10.71
C THR B 56 18.85 -0.13 11.61
N PRO B 57 17.86 0.65 12.09
CA PRO B 57 16.77 0.11 12.94
C PRO B 57 15.77 -0.73 12.13
N LYS B 58 15.08 -1.64 12.80
CA LYS B 58 14.16 -2.54 12.12
C LYS B 58 13.14 -1.96 11.16
N GLU B 59 12.45 -0.93 11.61
CA GLU B 59 11.41 -0.27 10.82
C GLU B 59 11.98 0.26 9.49
N GLU B 60 13.18 0.78 9.60
CA GLU B 60 13.89 1.31 8.48
C GLU B 60 14.35 0.20 7.51
N PHE B 61 14.99 -0.84 8.06
CA PHE B 61 15.45 -2.00 7.26
C PHE B 61 14.31 -2.60 6.39
N VAL B 62 13.15 -2.76 7.00
CA VAL B 62 12.05 -3.33 6.24
C VAL B 62 11.48 -2.32 5.23
N PHE B 63 11.52 -1.03 5.54
CA PHE B 63 10.99 -0.08 4.55
C PHE B 63 11.82 -0.14 3.26
N TYR B 64 13.13 -0.05 3.44
CA TYR B 64 14.09 -0.06 2.34
C TYR B 64 14.17 -1.38 1.57
N ALA B 65 14.10 -2.49 2.32
CA ALA B 65 14.12 -3.83 1.75
C ALA B 65 12.94 -3.99 0.79
N ASP B 66 11.77 -3.60 1.29
CA ASP B 66 10.55 -3.68 0.50
C ASP B 66 10.67 -2.88 -0.80
N ARG B 67 11.25 -1.71 -0.72
CA ARG B 67 11.41 -0.85 -1.89
C ARG B 67 12.30 -1.49 -2.94
N LEU B 68 13.45 -1.95 -2.50
CA LEU B 68 14.40 -2.60 -3.38
C LEU B 68 13.73 -3.74 -4.01
N ILE B 69 13.10 -4.50 -3.14
CA ILE B 69 12.44 -5.68 -3.62
C ILE B 69 11.45 -5.40 -4.73
N ARG B 70 10.70 -4.34 -4.62
CA ARG B 70 9.75 -4.04 -5.68
C ARG B 70 10.48 -3.82 -7.02
N LEU B 71 11.61 -3.11 -6.94
CA LEU B 71 12.39 -2.80 -8.14
C LEU B 71 12.89 -4.11 -8.74
N LEU B 72 13.39 -4.96 -7.86
CA LEU B 72 13.87 -6.25 -8.24
C LEU B 72 12.82 -7.04 -9.02
N ILE B 73 11.61 -7.15 -8.49
CA ILE B 73 10.57 -7.91 -9.19
C ILE B 73 10.18 -7.31 -10.52
N GLU B 74 10.12 -5.96 -10.55
CA GLU B 74 9.74 -5.33 -11.80
C GLU B 74 10.80 -5.78 -12.81
N GLU B 75 12.06 -5.80 -12.39
CA GLU B 75 13.21 -6.24 -13.21
C GLU B 75 13.04 -7.70 -13.72
N ALA B 76 12.81 -8.59 -12.75
CA ALA B 76 12.63 -10.00 -13.00
C ALA B 76 11.49 -10.28 -13.97
N LEU B 77 10.43 -9.50 -13.85
CA LEU B 77 9.23 -9.68 -14.67
C LEU B 77 9.47 -9.60 -16.15
N ASN B 78 10.59 -8.96 -16.47
CA ASN B 78 10.95 -8.79 -17.85
C ASN B 78 11.44 -10.11 -18.42
N GLU B 79 11.78 -11.07 -17.56
CA GLU B 79 12.28 -12.36 -18.04
C GLU B 79 11.27 -13.27 -18.69
N LEU B 80 10.00 -12.87 -18.72
CA LEU B 80 8.95 -13.72 -19.30
C LEU B 80 8.61 -13.49 -20.76
N PRO B 81 8.04 -14.51 -21.37
CA PRO B 81 7.61 -14.47 -22.77
C PRO B 81 6.52 -13.42 -22.96
N PHE B 82 6.47 -12.79 -24.12
CA PHE B 82 5.43 -11.78 -24.35
C PHE B 82 4.87 -11.72 -25.76
N GLN B 83 3.71 -11.08 -25.87
CA GLN B 83 2.94 -10.93 -27.09
C GLN B 83 3.09 -9.62 -27.84
N LYS B 84 3.03 -9.65 -29.15
CA LYS B 84 3.03 -8.37 -29.82
C LYS B 84 1.54 -8.05 -29.66
N LYS B 85 1.22 -6.79 -29.42
CA LYS B 85 -0.16 -6.43 -29.28
C LYS B 85 -0.45 -5.04 -29.79
N GLU B 86 -1.36 -4.96 -30.73
CA GLU B 86 -1.68 -3.65 -31.27
C GLU B 86 -2.98 -3.13 -30.66
N VAL B 87 -2.92 -1.87 -30.21
CA VAL B 87 -4.07 -1.26 -29.58
C VAL B 87 -4.48 -0.03 -30.33
N THR B 88 -5.71 0.33 -30.09
CA THR B 88 -6.28 1.53 -30.66
C THR B 88 -6.60 2.50 -29.51
N THR B 89 -5.92 3.61 -29.56
CA THR B 89 -5.97 4.69 -28.61
C THR B 89 -7.25 5.54 -28.66
N PRO B 90 -7.43 6.43 -27.70
CA PRO B 90 -8.60 7.31 -27.67
C PRO B 90 -8.61 8.28 -28.87
N LEU B 91 -7.45 8.50 -29.45
CA LEU B 91 -7.34 9.38 -30.59
C LEU B 91 -7.71 8.61 -31.80
N ASP B 92 -8.30 7.45 -31.58
CA ASP B 92 -8.68 6.62 -32.71
C ASP B 92 -7.49 6.28 -33.62
N VAL B 93 -6.29 6.14 -33.05
CA VAL B 93 -5.11 5.80 -33.84
C VAL B 93 -4.54 4.51 -33.29
N SER B 94 -3.78 3.80 -34.11
CA SER B 94 -3.20 2.54 -33.69
C SER B 94 -1.89 2.64 -32.93
N TYR B 95 -1.74 1.79 -31.92
CA TYR B 95 -0.53 1.77 -31.14
C TYR B 95 -0.06 0.31 -31.07
N HIS B 96 1.25 0.09 -31.14
CA HIS B 96 1.73 -1.28 -31.10
C HIS B 96 2.49 -1.60 -29.89
N GLY B 97 1.84 -2.37 -29.04
CA GLY B 97 2.45 -2.76 -27.79
C GLY B 97 2.79 -4.23 -27.69
N VAL B 98 2.97 -4.65 -26.45
CA VAL B 98 3.27 -6.01 -26.16
C VAL B 98 2.26 -6.36 -25.11
N SER B 99 1.99 -7.65 -24.97
CA SER B 99 1.10 -8.16 -23.96
C SER B 99 1.83 -9.35 -23.37
N PHE B 100 1.90 -9.44 -22.06
CA PHE B 100 2.57 -10.60 -21.48
C PHE B 100 1.49 -11.63 -21.21
N TYR B 101 1.75 -12.88 -21.56
CA TYR B 101 0.75 -13.94 -21.44
C TYR B 101 1.02 -15.19 -20.59
N SER B 102 2.25 -15.43 -20.15
CA SER B 102 2.45 -16.65 -19.39
C SER B 102 1.73 -16.89 -18.06
N LYS B 103 1.46 -18.16 -17.76
CA LYS B 103 0.84 -18.51 -16.50
C LYS B 103 2.05 -18.57 -15.61
N ILE B 104 1.99 -17.84 -14.52
CA ILE B 104 3.10 -17.83 -13.62
C ILE B 104 2.61 -17.99 -12.21
N CYS B 105 3.54 -17.94 -11.29
CA CYS B 105 3.27 -18.09 -9.89
C CYS B 105 4.59 -17.80 -9.20
N GLY B 106 4.51 -17.44 -7.92
CA GLY B 106 5.68 -17.17 -7.10
C GLY B 106 5.88 -18.37 -6.15
N VAL B 107 7.12 -18.73 -5.81
CA VAL B 107 7.44 -19.82 -4.90
C VAL B 107 8.45 -19.30 -3.90
N SER B 108 8.03 -19.13 -2.64
CA SER B 108 8.92 -18.61 -1.61
C SER B 108 9.64 -19.71 -0.89
N ILE B 109 10.90 -19.44 -0.60
CA ILE B 109 11.71 -20.37 0.15
C ILE B 109 11.57 -19.89 1.60
N VAL B 110 10.97 -20.70 2.47
CA VAL B 110 10.78 -20.27 3.86
C VAL B 110 12.06 -20.35 4.68
N ARG B 111 12.32 -19.35 5.54
CA ARG B 111 11.46 -18.15 5.78
C ARG B 111 11.74 -16.79 5.04
N ALA B 112 13.00 -16.49 4.72
CA ALA B 112 13.37 -15.24 4.02
C ALA B 112 12.70 -14.91 2.69
N GLY B 113 12.51 -15.89 1.82
CA GLY B 113 11.89 -15.61 0.54
C GLY B 113 10.49 -15.07 0.69
N GLU B 114 9.90 -15.25 1.86
CA GLU B 114 8.51 -14.80 2.09
C GLU B 114 8.40 -13.27 2.03
N SER B 115 9.41 -12.62 2.59
CA SER B 115 9.54 -11.17 2.57
C SER B 115 9.36 -10.61 1.18
N MET B 116 9.50 -11.46 0.17
CA MET B 116 9.40 -11.01 -1.20
C MET B 116 8.06 -11.25 -1.79
N GLU B 117 7.25 -12.06 -1.12
CA GLU B 117 5.94 -12.38 -1.69
C GLU B 117 5.07 -11.11 -1.82
N SER B 118 5.21 -10.22 -0.84
CA SER B 118 4.43 -8.99 -0.78
C SER B 118 4.58 -8.15 -2.02
N GLY B 119 5.81 -8.05 -2.48
CA GLY B 119 6.06 -7.26 -3.67
C GLY B 119 5.47 -7.93 -4.89
N LEU B 120 5.59 -9.25 -4.98
CA LEU B 120 5.08 -9.95 -6.15
C LEU B 120 3.58 -9.73 -6.18
N ARG B 121 3.01 -9.80 -5.00
CA ARG B 121 1.57 -9.63 -4.90
C ARG B 121 1.20 -8.20 -5.23
N ALA B 122 2.10 -7.27 -4.96
CA ALA B 122 1.85 -5.87 -5.26
C ALA B 122 1.80 -5.61 -6.77
N VAL B 123 2.66 -6.23 -7.56
CA VAL B 123 2.59 -5.92 -8.97
C VAL B 123 1.77 -6.91 -9.72
N CYS B 124 1.64 -8.11 -9.17
CA CYS B 124 0.86 -9.15 -9.81
C CYS B 124 -0.19 -9.50 -8.80
N ARG B 125 -1.34 -8.85 -8.91
CA ARG B 125 -2.39 -9.04 -7.94
C ARG B 125 -3.07 -10.39 -7.94
N GLY B 126 -3.02 -11.08 -6.81
CA GLY B 126 -3.60 -12.41 -6.71
C GLY B 126 -2.72 -13.50 -7.32
N VAL B 127 -1.41 -13.28 -7.50
CA VAL B 127 -0.60 -14.35 -8.10
C VAL B 127 -0.66 -15.55 -7.17
N ARG B 128 -0.58 -16.75 -7.74
CA ARG B 128 -0.56 -17.94 -6.89
C ARG B 128 0.80 -17.97 -6.21
N ILE B 129 0.83 -18.42 -4.96
CA ILE B 129 2.06 -18.45 -4.18
C ILE B 129 2.34 -19.81 -3.54
N GLY B 130 3.42 -20.47 -3.99
CA GLY B 130 3.83 -21.77 -3.47
C GLY B 130 4.84 -21.48 -2.35
N LYS B 131 5.00 -22.43 -1.45
CA LYS B 131 5.93 -22.28 -0.35
C LYS B 131 6.74 -23.55 -0.19
N ILE B 132 8.00 -23.38 0.19
CA ILE B 132 8.89 -24.49 0.41
C ILE B 132 9.80 -24.19 1.57
N LEU B 133 9.75 -25.05 2.59
CA LEU B 133 10.59 -24.87 3.77
C LEU B 133 11.63 -25.96 3.70
N ILE B 134 12.87 -25.55 3.65
CA ILE B 134 13.99 -26.47 3.52
C ILE B 134 14.94 -26.31 4.68
N GLN B 135 15.37 -27.43 5.24
CA GLN B 135 16.32 -27.30 6.33
C GLN B 135 17.56 -28.21 6.33
N ARG B 136 18.68 -27.67 6.79
CA ARG B 136 19.92 -28.44 6.83
C ARG B 136 19.97 -29.20 8.14
N ASP B 137 20.28 -30.48 8.07
CA ASP B 137 20.39 -31.28 9.30
C ASP B 137 21.31 -30.62 10.33
N GLU B 138 20.88 -30.59 11.59
CA GLU B 138 21.72 -29.95 12.59
C GLU B 138 23.09 -30.59 12.76
N THR B 139 23.20 -31.86 12.39
CA THR B 139 24.44 -32.64 12.49
C THR B 139 25.12 -32.84 11.14
N THR B 140 24.32 -33.41 10.24
CA THR B 140 24.72 -33.74 8.90
C THR B 140 24.86 -32.56 7.95
N ALA B 141 24.22 -31.45 8.27
CA ALA B 141 24.27 -30.30 7.39
C ALA B 141 23.48 -30.52 6.11
N GLU B 142 23.01 -31.74 5.88
CA GLU B 142 22.19 -31.93 4.68
C GLU B 142 20.87 -31.14 4.71
N PRO B 143 20.52 -30.59 3.55
CA PRO B 143 19.31 -29.79 3.43
C PRO B 143 18.19 -30.68 3.08
N LYS B 144 17.14 -30.62 3.88
CA LYS B 144 16.01 -31.46 3.60
C LYS B 144 14.78 -30.64 3.37
N LEU B 145 13.86 -31.24 2.64
CA LEU B 145 12.59 -30.62 2.36
C LEU B 145 11.74 -30.91 3.62
N ILE B 146 11.43 -29.85 4.36
CA ILE B 146 10.61 -29.98 5.57
C ILE B 146 9.12 -29.88 5.22
N TYR B 147 8.73 -28.85 4.48
CA TYR B 147 7.34 -28.61 4.14
C TYR B 147 7.25 -27.94 2.77
N GLU B 148 6.15 -28.20 2.09
CA GLU B 148 5.87 -27.62 0.80
C GLU B 148 4.34 -27.50 0.55
N LYS B 149 3.96 -26.41 -0.11
CA LYS B 149 2.56 -26.13 -0.43
C LYS B 149 2.62 -25.34 -1.73
N LEU B 150 2.39 -26.00 -2.84
CA LEU B 150 2.50 -25.34 -4.13
C LEU B 150 1.27 -25.52 -4.96
N PRO B 151 1.10 -24.68 -5.98
CA PRO B 151 -0.07 -24.76 -6.85
C PRO B 151 -0.12 -26.12 -7.47
N ALA B 152 -1.31 -26.58 -7.78
CA ALA B 152 -1.43 -27.89 -8.37
C ALA B 152 -0.89 -28.12 -9.80
N ASP B 153 -0.88 -27.08 -10.61
CA ASP B 153 -0.45 -27.20 -12.00
C ASP B 153 0.87 -26.51 -12.24
N ILE B 154 1.65 -26.31 -11.18
CA ILE B 154 2.92 -25.59 -11.25
C ILE B 154 3.75 -26.11 -12.41
N ARG B 155 3.58 -27.39 -12.74
CA ARG B 155 4.32 -27.99 -13.84
C ARG B 155 4.00 -27.27 -15.14
N GLU B 156 2.91 -26.52 -15.15
CA GLU B 156 2.48 -25.80 -16.35
C GLU B 156 2.80 -24.30 -16.38
N ARG B 157 3.44 -23.78 -15.34
CA ARG B 157 3.67 -22.36 -15.31
C ARG B 157 5.09 -22.00 -15.14
N TRP B 158 5.32 -20.70 -15.30
CA TRP B 158 6.61 -20.07 -15.11
C TRP B 158 6.76 -19.77 -13.64
N VAL B 159 7.81 -20.27 -13.02
CA VAL B 159 8.01 -20.01 -11.60
C VAL B 159 9.03 -18.98 -11.23
N MET B 160 8.60 -18.07 -10.37
CA MET B 160 9.47 -17.04 -9.87
C MET B 160 9.92 -17.48 -8.50
N LEU B 161 11.13 -18.04 -8.47
CA LEU B 161 11.71 -18.51 -7.23
C LEU B 161 12.27 -17.35 -6.42
N LEU B 162 11.82 -17.19 -5.17
CA LEU B 162 12.31 -16.10 -4.33
C LEU B 162 13.15 -16.48 -3.07
N ASP B 163 14.38 -15.96 -3.01
CA ASP B 163 15.26 -16.17 -1.88
C ASP B 163 16.29 -15.06 -2.03
N PRO B 164 16.25 -14.12 -1.10
CA PRO B 164 17.12 -12.94 -1.07
C PRO B 164 18.64 -13.20 -1.06
N MET B 165 19.00 -14.39 -0.64
CA MET B 165 20.41 -14.70 -0.54
C MET B 165 20.83 -16.02 -1.17
N CYS B 166 22.01 -16.00 -1.79
CA CYS B 166 22.61 -17.16 -2.43
C CYS B 166 24.08 -17.15 -1.97
N ALA B 167 24.37 -17.83 -0.85
CA ALA B 167 25.72 -17.89 -0.30
C ALA B 167 26.35 -19.13 -0.93
N THR B 168 26.01 -20.30 -0.39
CA THR B 168 26.51 -21.57 -0.90
C THR B 168 25.67 -22.18 -2.02
N ALA B 169 24.50 -21.64 -2.27
CA ALA B 169 23.58 -22.17 -3.29
C ALA B 169 22.97 -23.47 -2.76
N GLY B 170 23.36 -23.81 -1.54
CA GLY B 170 22.85 -25.02 -0.92
C GLY B 170 21.32 -25.11 -0.97
N SER B 171 20.68 -24.07 -0.45
CA SER B 171 19.23 -24.05 -0.41
C SER B 171 18.49 -23.88 -1.72
N VAL B 172 18.92 -22.98 -2.57
CA VAL B 172 18.16 -22.84 -3.78
C VAL B 172 18.24 -24.09 -4.63
N CYS B 173 19.38 -24.79 -4.56
CA CYS B 173 19.56 -26.01 -5.35
C CYS B 173 18.57 -27.14 -5.00
N LYS B 174 18.36 -27.37 -3.70
CA LYS B 174 17.39 -28.37 -3.23
C LYS B 174 16.00 -27.93 -3.70
N ALA B 175 15.69 -26.64 -3.61
CA ALA B 175 14.37 -26.17 -4.04
C ALA B 175 14.12 -26.45 -5.53
N ILE B 176 15.10 -26.10 -6.36
CA ILE B 176 14.98 -26.31 -7.81
C ILE B 176 14.76 -27.81 -8.04
N GLU B 177 15.59 -28.60 -7.37
CA GLU B 177 15.50 -30.05 -7.46
C GLU B 177 14.07 -30.56 -7.27
N VAL B 178 13.41 -30.13 -6.19
CA VAL B 178 12.04 -30.56 -5.92
C VAL B 178 11.05 -30.05 -6.93
N LEU B 179 11.27 -28.81 -7.38
CA LEU B 179 10.36 -28.27 -8.39
C LEU B 179 10.45 -29.15 -9.64
N LEU B 180 11.68 -29.50 -9.97
CA LEU B 180 11.90 -30.33 -11.15
C LEU B 180 11.23 -31.68 -11.01
N ARG B 181 11.28 -32.26 -9.81
CA ARG B 181 10.63 -33.54 -9.61
C ARG B 181 9.16 -33.37 -9.72
N LEU B 182 8.65 -32.15 -9.54
CA LEU B 182 7.22 -31.92 -9.70
C LEU B 182 6.85 -31.75 -11.16
N GLY B 183 7.84 -31.56 -12.02
CA GLY B 183 7.52 -31.43 -13.43
C GLY B 183 7.72 -30.05 -14.06
N VAL B 184 8.29 -29.11 -13.30
CA VAL B 184 8.51 -27.77 -13.88
C VAL B 184 9.75 -27.86 -14.84
N LYS B 185 9.72 -27.10 -15.95
CA LYS B 185 10.81 -27.04 -16.94
C LYS B 185 11.93 -26.15 -16.37
N GLU B 186 13.19 -26.59 -16.47
CA GLU B 186 14.33 -25.86 -15.91
C GLU B 186 14.42 -24.45 -16.43
N GLU B 187 14.04 -24.30 -17.70
CA GLU B 187 14.09 -23.01 -18.37
C GLU B 187 12.94 -22.07 -18.00
N ARG B 188 11.97 -22.54 -17.25
CA ARG B 188 10.86 -21.70 -16.86
C ARG B 188 10.95 -21.19 -15.44
N ILE B 189 12.07 -21.46 -14.79
CA ILE B 189 12.29 -21.01 -13.44
C ILE B 189 13.11 -19.73 -13.50
N ILE B 190 12.65 -18.69 -12.77
CA ILE B 190 13.31 -17.39 -12.68
C ILE B 190 13.74 -17.11 -11.26
N PHE B 191 14.98 -17.43 -10.95
CA PHE B 191 15.52 -17.24 -9.64
C PHE B 191 15.71 -15.75 -9.34
N VAL B 192 14.87 -15.22 -8.46
CA VAL B 192 14.88 -13.82 -8.01
C VAL B 192 15.61 -13.69 -6.66
N ASN B 193 16.83 -13.14 -6.73
CA ASN B 193 17.72 -13.04 -5.57
C ASN B 193 18.11 -11.61 -5.27
N ILE B 194 18.48 -11.30 -4.03
CA ILE B 194 18.87 -9.92 -3.78
C ILE B 194 20.39 -9.79 -3.72
N LEU B 195 21.00 -10.74 -3.05
CA LEU B 195 22.42 -10.72 -2.89
C LEU B 195 22.98 -12.11 -3.14
N ALA B 196 24.12 -12.16 -3.79
CA ALA B 196 24.75 -13.42 -4.12
C ALA B 196 26.28 -13.37 -3.98
N ALA B 197 26.87 -14.57 -3.86
CA ALA B 197 28.29 -14.75 -3.78
C ALA B 197 28.58 -15.50 -5.06
N PRO B 198 29.80 -15.32 -5.55
CA PRO B 198 30.24 -15.96 -6.80
C PRO B 198 30.08 -17.47 -6.75
N GLN B 199 30.54 -18.07 -5.64
CA GLN B 199 30.43 -19.51 -5.38
C GLN B 199 28.99 -19.94 -5.74
N GLY B 200 28.06 -19.33 -5.02
CA GLY B 200 26.66 -19.59 -5.17
C GLY B 200 26.26 -19.50 -6.61
N ILE B 201 26.62 -18.42 -7.25
CA ILE B 201 26.23 -18.30 -8.65
C ILE B 201 26.81 -19.43 -9.47
N GLU B 202 28.07 -19.78 -9.21
CA GLU B 202 28.63 -20.88 -10.00
C GLU B 202 27.92 -22.23 -9.80
N ARG B 203 27.72 -22.59 -8.54
CA ARG B 203 27.01 -23.84 -8.26
C ARG B 203 25.65 -23.91 -8.95
N VAL B 204 24.87 -22.82 -8.88
CA VAL B 204 23.56 -22.87 -9.48
C VAL B 204 23.62 -23.22 -10.95
N PHE B 205 24.54 -22.56 -11.62
CA PHE B 205 24.64 -22.79 -13.03
C PHE B 205 25.25 -24.13 -13.40
N LYS B 206 26.14 -24.59 -12.54
CA LYS B 206 26.81 -25.88 -12.64
C LYS B 206 25.73 -26.96 -12.68
N GLU B 207 24.86 -26.97 -11.66
CA GLU B 207 23.77 -27.95 -11.55
C GLU B 207 22.56 -27.68 -12.43
N TYR B 208 22.20 -26.40 -12.61
CA TYR B 208 21.02 -26.05 -13.40
C TYR B 208 21.33 -24.84 -14.26
N PRO B 209 22.03 -25.10 -15.34
CA PRO B 209 22.42 -24.07 -16.26
C PRO B 209 21.28 -23.40 -17.02
N LYS B 210 20.11 -24.04 -17.06
CA LYS B 210 18.99 -23.48 -17.79
C LYS B 210 18.08 -22.47 -17.08
N VAL B 211 18.29 -22.25 -15.78
CA VAL B 211 17.44 -21.31 -15.05
C VAL B 211 17.93 -19.90 -15.29
N ARG B 212 17.15 -18.91 -14.84
CA ARG B 212 17.57 -17.55 -14.99
C ARG B 212 17.71 -17.02 -13.60
N MET B 213 18.56 -16.04 -13.44
CA MET B 213 18.75 -15.46 -12.14
C MET B 213 18.84 -13.94 -12.29
N VAL B 214 18.06 -13.27 -11.47
CA VAL B 214 18.08 -11.83 -11.45
C VAL B 214 18.57 -11.51 -10.05
N THR B 215 19.47 -10.54 -9.94
CA THR B 215 20.02 -10.25 -8.64
C THR B 215 20.33 -8.74 -8.59
N ALA B 216 20.55 -8.22 -7.40
CA ALA B 216 20.84 -6.80 -7.25
C ALA B 216 22.27 -6.61 -6.82
N ALA B 217 22.90 -7.67 -6.38
CA ALA B 217 24.27 -7.49 -5.96
C ALA B 217 25.02 -8.81 -5.88
N VAL B 218 26.31 -8.74 -6.18
CA VAL B 218 27.14 -9.89 -6.00
C VAL B 218 28.29 -9.38 -5.17
N ASP B 219 28.54 -10.06 -4.06
CA ASP B 219 29.59 -9.65 -3.16
C ASP B 219 30.90 -10.36 -3.41
N ILE B 220 31.83 -10.17 -2.49
CA ILE B 220 33.16 -10.73 -2.58
C ILE B 220 33.21 -12.23 -2.39
N CYS B 221 32.98 -12.67 -1.15
CA CYS B 221 33.04 -14.09 -0.84
C CYS B 221 32.20 -14.50 0.39
N LEU B 222 32.45 -15.71 0.87
CA LEU B 222 31.78 -16.23 2.05
C LEU B 222 32.72 -16.26 3.21
N ASN B 223 32.14 -16.07 4.38
CA ASN B 223 32.79 -15.98 5.67
C ASN B 223 33.26 -17.36 6.11
N SER B 224 34.13 -17.37 7.13
CA SER B 224 34.61 -18.62 7.72
C SER B 224 33.31 -19.44 8.09
N ARG B 225 32.23 -18.72 8.36
CA ARG B 225 30.90 -19.18 8.79
C ARG B 225 29.89 -19.46 7.68
N TYR B 226 30.27 -19.22 6.45
CA TYR B 226 29.43 -19.37 5.29
C TYR B 226 28.48 -18.16 5.06
N TYR B 227 28.94 -17.00 5.52
CA TYR B 227 28.19 -15.76 5.38
C TYR B 227 28.83 -14.87 4.33
N ILE B 228 27.99 -14.39 3.40
CA ILE B 228 28.44 -13.54 2.31
C ILE B 228 29.05 -12.28 2.85
N VAL B 229 30.14 -11.85 2.22
CA VAL B 229 30.81 -10.62 2.64
C VAL B 229 31.15 -9.70 1.48
N PRO B 230 31.16 -8.40 1.76
CA PRO B 230 30.86 -7.85 3.12
C PRO B 230 29.43 -8.17 3.62
N GLY B 231 28.58 -8.53 2.69
CA GLY B 231 27.21 -8.94 2.98
C GLY B 231 26.22 -8.04 3.71
N ILE B 232 25.19 -8.70 4.23
CA ILE B 232 24.06 -8.07 4.90
C ILE B 232 23.68 -8.73 6.23
N GLY B 233 24.29 -9.87 6.55
CA GLY B 233 23.98 -10.59 7.79
C GLY B 233 22.87 -11.63 7.56
N ASP B 234 22.10 -11.97 8.60
CA ASP B 234 20.99 -12.92 8.45
C ASP B 234 19.75 -12.15 8.00
N PHE B 235 19.44 -12.24 6.73
CA PHE B 235 18.33 -11.49 6.23
C PHE B 235 16.94 -11.69 6.85
N GLY B 236 16.48 -12.94 6.94
CA GLY B 236 15.16 -13.28 7.52
C GLY B 236 15.14 -12.75 8.95
N ASP B 237 16.29 -12.82 9.60
CA ASP B 237 16.36 -12.34 10.95
C ASP B 237 16.11 -10.82 11.09
N ARG B 238 16.82 -10.05 10.26
CA ARG B 238 16.69 -8.60 10.30
C ARG B 238 15.36 -8.20 9.70
N TYR B 239 14.85 -8.95 8.75
CA TYR B 239 13.60 -8.57 8.19
C TYR B 239 12.41 -8.82 9.09
N PHE B 240 12.33 -10.01 9.68
CA PHE B 240 11.18 -10.36 10.52
C PHE B 240 11.35 -9.92 11.96
N GLY B 241 12.56 -9.50 12.32
CA GLY B 241 12.79 -9.04 13.69
C GLY B 241 13.07 -10.13 14.71
N THR B 242 13.54 -11.31 14.29
CA THR B 242 13.83 -12.37 15.26
C THR B 242 15.34 -12.49 15.51
N MET B 243 16.01 -11.39 15.62
CA MET B 243 17.44 -11.44 15.87
C MET B 243 17.73 -10.93 17.29
N GLN C 20 11.70 4.97 -36.48
CA GLN C 20 10.77 6.09 -36.48
C GLN C 20 10.59 6.56 -35.04
N GLU C 21 10.49 5.60 -34.13
CA GLU C 21 10.37 5.97 -32.73
C GLU C 21 11.81 6.28 -32.42
N GLU C 22 12.64 5.29 -32.71
CA GLU C 22 14.08 5.27 -32.51
C GLU C 22 14.62 6.60 -32.91
N SER C 23 14.36 6.86 -34.18
CA SER C 23 14.74 8.07 -34.85
C SER C 23 14.31 9.23 -33.97
N ILE C 24 13.02 9.33 -33.72
CA ILE C 24 12.55 10.42 -32.90
C ILE C 24 13.23 10.35 -31.53
N LEU C 25 13.23 9.16 -30.97
CA LEU C 25 13.82 8.96 -29.66
C LEU C 25 15.28 9.34 -29.52
N GLN C 26 16.06 8.77 -30.41
CA GLN C 26 17.50 9.00 -30.41
C GLN C 26 17.79 10.48 -30.67
N ASP C 27 17.02 11.06 -31.58
CA ASP C 27 17.16 12.45 -31.93
C ASP C 27 16.88 13.37 -30.75
N ILE C 28 15.92 13.00 -29.90
CA ILE C 28 15.64 13.81 -28.71
C ILE C 28 16.86 13.64 -27.86
N ILE C 29 17.22 12.38 -27.67
CA ILE C 29 18.36 12.01 -26.84
C ILE C 29 19.65 12.75 -27.24
N THR C 30 19.97 12.76 -28.54
CA THR C 30 21.20 13.43 -28.93
C THR C 30 21.12 14.93 -28.79
N ARG C 31 19.93 15.46 -29.07
CA ARG C 31 19.69 16.90 -28.95
C ARG C 31 19.60 17.55 -27.57
N PHE C 32 18.97 16.87 -26.60
CA PHE C 32 18.82 17.43 -25.25
C PHE C 32 19.54 16.61 -24.19
N PRO C 33 20.80 16.99 -23.96
CA PRO C 33 21.68 16.30 -23.01
C PRO C 33 20.95 16.06 -21.71
N ASN C 34 20.02 16.96 -21.41
CA ASN C 34 19.27 16.94 -20.16
C ASN C 34 18.01 16.08 -20.05
N VAL C 35 17.64 15.34 -21.07
CA VAL C 35 16.46 14.53 -20.87
C VAL C 35 16.94 13.13 -20.59
N VAL C 36 16.19 12.41 -19.74
CA VAL C 36 16.49 11.03 -19.45
C VAL C 36 15.24 10.23 -19.73
N LEU C 37 15.40 9.29 -20.63
CA LEU C 37 14.36 8.38 -21.08
C LEU C 37 14.46 7.11 -20.24
N MET C 38 13.32 6.53 -19.88
CA MET C 38 13.30 5.33 -19.10
C MET C 38 13.67 4.19 -20.07
N LYS C 39 14.42 3.20 -19.54
CA LYS C 39 14.82 2.05 -20.35
C LYS C 39 13.53 1.41 -20.84
N GLN C 40 13.40 1.32 -22.18
CA GLN C 40 12.22 0.79 -22.84
C GLN C 40 11.98 -0.70 -22.73
N THR C 41 11.89 -1.20 -21.51
CA THR C 41 11.70 -2.64 -21.27
C THR C 41 10.36 -3.04 -21.83
N ALA C 42 10.21 -4.35 -22.07
CA ALA C 42 8.98 -4.93 -22.62
C ALA C 42 7.86 -4.72 -21.62
N GLN C 43 8.26 -4.78 -20.34
CA GLN C 43 7.38 -4.56 -19.21
C GLN C 43 6.79 -3.17 -19.37
N LEU C 44 7.67 -2.16 -19.43
CA LEU C 44 7.26 -0.79 -19.57
C LEU C 44 6.31 -0.64 -20.76
N ARG C 45 6.62 -1.30 -21.87
CA ARG C 45 5.76 -1.19 -23.03
C ARG C 45 4.43 -1.89 -22.82
N ALA C 46 4.42 -2.97 -22.04
CA ALA C 46 3.19 -3.70 -21.77
C ALA C 46 2.30 -2.75 -20.95
N MET C 47 2.88 -2.11 -19.94
CA MET C 47 2.14 -1.17 -19.14
C MET C 47 1.50 -0.08 -20.03
N MET C 48 2.32 0.65 -20.77
CA MET C 48 1.87 1.70 -21.66
C MET C 48 0.85 1.24 -22.65
N THR C 49 0.93 -0.03 -22.96
CA THR C 49 -0.03 -0.55 -23.92
C THR C 49 -1.42 -0.57 -23.31
N ILE C 50 -1.49 -1.04 -22.06
CA ILE C 50 -2.77 -1.13 -21.38
C ILE C 50 -3.34 0.28 -21.16
N ILE C 51 -2.56 1.10 -20.49
CA ILE C 51 -3.00 2.43 -20.18
C ILE C 51 -3.32 3.26 -21.41
N ARG C 52 -2.85 2.81 -22.57
CA ARG C 52 -3.09 3.52 -23.83
C ARG C 52 -4.37 3.12 -24.56
N ASP C 53 -4.74 1.86 -24.42
CA ASP C 53 -5.92 1.33 -25.07
C ASP C 53 -7.22 2.07 -24.60
N LYS C 54 -8.02 2.61 -25.53
CA LYS C 54 -9.24 3.37 -25.16
C LYS C 54 -10.17 2.51 -24.34
N GLU C 55 -10.09 1.24 -24.68
CA GLU C 55 -10.86 0.15 -24.13
C GLU C 55 -10.50 -0.21 -22.72
N THR C 56 -9.48 0.37 -22.14
CA THR C 56 -9.23 -0.05 -20.80
C THR C 56 -10.10 0.51 -19.71
N PRO C 57 -10.48 -0.35 -18.79
CA PRO C 57 -11.35 0.02 -17.71
C PRO C 57 -10.66 0.83 -16.62
N LYS C 58 -11.44 1.77 -16.09
CA LYS C 58 -11.05 2.68 -15.02
C LYS C 58 -10.08 2.07 -14.01
N GLU C 59 -10.53 1.04 -13.29
CA GLU C 59 -9.67 0.45 -12.28
C GLU C 59 -8.41 -0.10 -12.87
N GLU C 60 -8.49 -0.55 -14.10
CA GLU C 60 -7.31 -1.11 -14.74
C GLU C 60 -6.33 0.01 -15.09
N PHE C 61 -6.87 1.09 -15.65
CA PHE C 61 -6.05 2.24 -16.00
C PHE C 61 -5.33 2.72 -14.74
N VAL C 62 -6.05 2.89 -13.65
CA VAL C 62 -5.37 3.37 -12.44
C VAL C 62 -4.29 2.46 -11.87
N PHE C 63 -4.58 1.15 -11.88
CA PHE C 63 -3.63 0.18 -11.38
C PHE C 63 -2.30 0.27 -12.14
N TYR C 64 -2.39 0.23 -13.46
CA TYR C 64 -1.18 0.32 -14.28
C TYR C 64 -0.51 1.67 -14.27
N ALA C 65 -1.32 2.73 -14.37
CA ALA C 65 -0.78 4.09 -14.35
C ALA C 65 0.03 4.24 -13.07
N ASP C 66 -0.51 3.75 -11.96
CA ASP C 66 0.20 3.86 -10.71
C ASP C 66 1.47 3.04 -10.66
N ARG C 67 1.43 1.89 -11.31
CA ARG C 67 2.58 0.99 -11.30
C ARG C 67 3.76 1.60 -12.03
N LEU C 68 3.41 2.21 -13.17
CA LEU C 68 4.33 2.88 -14.04
C LEU C 68 4.94 4.03 -13.29
N ILE C 69 4.07 4.90 -12.79
CA ILE C 69 4.50 6.11 -12.10
C ILE C 69 5.59 5.88 -11.06
N ARG C 70 5.44 4.80 -10.33
CA ARG C 70 6.40 4.45 -9.29
C ARG C 70 7.78 4.16 -9.91
N LEU C 71 7.79 3.45 -11.04
CA LEU C 71 9.06 3.14 -11.70
C LEU C 71 9.71 4.45 -12.15
N LEU C 72 8.88 5.27 -12.78
CA LEU C 72 9.29 6.57 -13.25
C LEU C 72 9.95 7.42 -12.12
N ILE C 73 9.29 7.49 -10.97
CA ILE C 73 9.80 8.23 -9.81
C ILE C 73 11.16 7.72 -9.31
N GLU C 74 11.33 6.40 -9.35
CA GLU C 74 12.57 5.79 -8.87
C GLU C 74 13.66 6.26 -9.84
N GLU C 75 13.29 6.34 -11.10
CA GLU C 75 14.16 6.82 -12.16
C GLU C 75 14.60 8.26 -11.85
N ALA C 76 13.62 9.15 -11.77
CA ALA C 76 13.86 10.55 -11.48
C ALA C 76 14.71 10.79 -10.23
N LEU C 77 14.48 10.04 -9.16
CA LEU C 77 15.26 10.24 -7.93
C LEU C 77 16.75 10.08 -8.12
N ASN C 78 17.15 9.44 -9.21
CA ASN C 78 18.58 9.31 -9.41
C ASN C 78 19.21 10.61 -9.92
N GLU C 79 18.42 11.66 -10.15
CA GLU C 79 18.97 12.92 -10.63
C GLU C 79 19.42 13.75 -9.45
N LEU C 80 19.08 13.31 -8.25
CA LEU C 80 19.50 14.05 -7.05
C LEU C 80 20.96 13.77 -6.77
N PRO C 81 21.55 14.68 -6.01
CA PRO C 81 22.95 14.60 -5.62
C PRO C 81 23.12 13.73 -4.38
N PHE C 82 24.21 12.96 -4.39
CA PHE C 82 24.54 12.04 -3.30
C PHE C 82 25.99 12.10 -2.86
N GLN C 83 26.16 11.77 -1.59
CA GLN C 83 27.46 11.77 -0.97
C GLN C 83 28.04 10.39 -1.21
N LYS C 84 29.12 10.10 -0.48
CA LYS C 84 29.76 8.81 -0.51
C LYS C 84 29.59 8.47 0.94
N LYS C 85 29.35 7.21 1.22
CA LYS C 85 29.19 6.82 2.60
C LYS C 85 29.69 5.40 2.83
N GLU C 86 30.32 5.23 3.97
CA GLU C 86 30.81 3.92 4.30
C GLU C 86 30.26 3.54 5.66
N VAL C 87 29.81 2.30 5.73
CA VAL C 87 29.22 1.81 6.95
C VAL C 87 29.90 0.49 7.16
N THR C 88 29.54 -0.18 8.24
CA THR C 88 30.05 -1.49 8.54
C THR C 88 28.90 -2.47 8.75
N THR C 89 29.04 -3.58 8.05
CA THR C 89 28.14 -4.70 8.01
C THR C 89 28.07 -5.41 9.35
N PRO C 90 26.99 -6.17 9.51
CA PRO C 90 26.75 -6.95 10.71
C PRO C 90 27.92 -7.92 10.93
N LEU C 91 28.65 -8.24 9.87
CA LEU C 91 29.81 -9.14 9.91
C LEU C 91 31.10 -8.37 10.20
N ASP C 92 30.97 -7.08 10.53
CA ASP C 92 32.13 -6.25 10.84
C ASP C 92 33.08 -5.87 9.70
N VAL C 93 32.57 -5.88 8.48
CA VAL C 93 33.39 -5.49 7.35
C VAL C 93 32.69 -4.27 6.76
N SER C 94 33.47 -3.27 6.43
CA SER C 94 32.91 -2.05 5.88
C SER C 94 32.42 -2.17 4.46
N TYR C 95 31.54 -1.26 4.09
CA TYR C 95 31.02 -1.29 2.76
C TYR C 95 30.98 0.16 2.31
N HIS C 96 31.12 0.41 1.02
CA HIS C 96 31.13 1.79 0.55
C HIS C 96 29.93 2.12 -0.26
N GLY C 97 29.01 2.84 0.36
CA GLY C 97 27.76 3.21 -0.30
C GLY C 97 27.71 4.70 -0.54
N VAL C 98 26.54 5.21 -0.91
CA VAL C 98 26.44 6.63 -1.19
C VAL C 98 25.18 7.29 -0.71
N SER C 99 25.28 8.05 0.36
CA SER C 99 24.11 8.73 0.86
C SER C 99 23.58 9.92 0.04
N PHE C 100 22.26 10.00 -0.01
CA PHE C 100 21.57 11.11 -0.65
C PHE C 100 21.33 12.02 0.56
N TYR C 101 21.10 13.31 0.37
CA TYR C 101 21.01 14.19 1.55
C TYR C 101 20.49 15.59 1.31
N SER C 102 19.63 15.76 0.32
CA SER C 102 19.16 17.10 0.03
C SER C 102 17.68 17.35 0.29
N LYS C 103 17.36 18.56 0.77
CA LYS C 103 15.98 18.95 1.01
C LYS C 103 15.29 18.87 -0.36
N ILE C 104 14.19 18.12 -0.42
CA ILE C 104 13.48 17.96 -1.68
C ILE C 104 12.02 18.25 -1.48
N CYS C 105 11.26 18.06 -2.53
CA CYS C 105 9.85 18.29 -2.46
C CYS C 105 9.24 18.06 -3.82
N GLY C 106 7.94 17.80 -3.82
CA GLY C 106 7.26 17.56 -5.07
C GLY C 106 6.34 18.76 -5.22
N VAL C 107 5.92 19.01 -6.45
CA VAL C 107 5.02 20.11 -6.70
C VAL C 107 4.28 19.53 -7.85
N SER C 108 2.99 19.54 -7.64
CA SER C 108 2.07 18.91 -8.56
C SER C 108 1.36 19.95 -9.33
N ILE C 109 1.13 19.67 -10.61
CA ILE C 109 0.37 20.58 -11.44
C ILE C 109 -1.05 19.96 -11.42
N VAL C 110 -1.99 20.67 -10.79
CA VAL C 110 -3.37 20.22 -10.66
C VAL C 110 -4.10 20.27 -11.99
N ARG C 111 -4.91 19.27 -12.30
CA ARG C 111 -5.12 18.15 -11.40
C ARG C 111 -4.37 16.86 -11.73
N ALA C 112 -4.08 16.66 -13.02
CA ALA C 112 -3.35 15.49 -13.48
C ALA C 112 -2.08 15.06 -12.72
N GLY C 113 -1.28 16.02 -12.29
CA GLY C 113 -0.03 15.69 -11.61
C GLY C 113 -0.20 15.18 -10.20
N GLU C 114 -1.39 15.37 -9.64
CA GLU C 114 -1.61 14.93 -8.28
C GLU C 114 -1.75 13.43 -8.27
N SER C 115 -1.97 12.87 -9.45
CA SER C 115 -2.03 11.42 -9.62
C SER C 115 -0.66 10.80 -9.33
N MET C 116 0.37 11.62 -9.26
CA MET C 116 1.74 11.19 -9.03
C MET C 116 2.24 11.38 -7.61
N GLU C 117 1.55 12.21 -6.85
CA GLU C 117 2.02 12.48 -5.49
C GLU C 117 2.09 11.24 -4.61
N SER C 118 1.19 10.33 -4.88
CA SER C 118 1.09 9.12 -4.11
C SER C 118 2.36 8.36 -4.31
N GLY C 119 2.72 8.24 -5.58
CA GLY C 119 3.93 7.53 -5.96
C GLY C 119 5.11 8.14 -5.24
N LEU C 120 5.16 9.46 -5.29
CA LEU C 120 6.25 10.11 -4.61
C LEU C 120 6.15 9.89 -3.10
N ARG C 121 4.93 9.87 -2.56
CA ARG C 121 4.82 9.71 -1.12
C ARG C 121 5.14 8.30 -0.67
N ALA C 122 4.99 7.35 -1.60
CA ALA C 122 5.26 5.95 -1.34
C ALA C 122 6.71 5.68 -1.06
N VAL C 123 7.59 6.41 -1.75
CA VAL C 123 9.04 6.21 -1.60
C VAL C 123 9.76 7.22 -0.72
N CYS C 124 9.20 8.42 -0.67
CA CYS C 124 9.74 9.50 0.16
C CYS C 124 8.64 9.77 1.18
N ARG C 125 8.76 9.08 2.30
CA ARG C 125 7.82 9.13 3.41
C ARG C 125 7.63 10.57 3.93
N GLY C 126 6.39 11.06 3.84
CA GLY C 126 6.07 12.39 4.31
C GLY C 126 6.77 13.53 3.53
N VAL C 127 7.07 13.31 2.26
CA VAL C 127 7.72 14.35 1.50
C VAL C 127 6.77 15.56 1.39
N ARG C 128 7.29 16.78 1.55
CA ARG C 128 6.44 18.00 1.45
C ARG C 128 5.86 18.10 0.04
N ILE C 129 4.56 18.38 -0.10
CA ILE C 129 3.97 18.49 -1.44
C ILE C 129 3.46 19.91 -1.66
N GLY C 130 3.71 20.48 -2.82
CA GLY C 130 3.24 21.82 -3.14
C GLY C 130 2.29 21.57 -4.27
N LYS C 131 1.36 22.48 -4.53
CA LYS C 131 0.45 22.28 -5.64
C LYS C 131 0.26 23.63 -6.32
N ILE C 132 0.03 23.59 -7.64
CA ILE C 132 -0.24 24.80 -8.41
C ILE C 132 -1.25 24.48 -9.48
N LEU C 133 -2.21 25.37 -9.68
CA LEU C 133 -3.22 25.06 -10.66
C LEU C 133 -3.22 26.17 -11.66
N ILE C 134 -3.11 25.77 -12.92
CA ILE C 134 -3.00 26.73 -14.00
C ILE C 134 -4.10 26.59 -15.01
N GLN C 135 -4.62 27.69 -15.52
CA GLN C 135 -5.66 27.62 -16.53
C GLN C 135 -5.29 28.39 -17.80
N ARG C 136 -5.51 27.79 -18.94
CA ARG C 136 -5.23 28.49 -20.19
C ARG C 136 -6.43 29.38 -20.45
N ASP C 137 -6.19 30.67 -20.59
CA ASP C 137 -7.27 31.60 -20.84
C ASP C 137 -7.90 31.34 -22.20
N GLU C 138 -9.18 30.93 -22.14
CA GLU C 138 -10.06 30.62 -23.27
C GLU C 138 -9.71 31.40 -24.55
N THR C 139 -10.23 32.63 -24.52
CA THR C 139 -10.10 33.71 -25.52
C THR C 139 -8.90 33.54 -26.44
N THR C 140 -7.78 33.66 -25.71
CA THR C 140 -6.42 33.56 -26.20
C THR C 140 -5.93 32.13 -25.97
N ALA C 141 -5.06 31.99 -24.98
CA ALA C 141 -4.46 30.71 -24.62
C ALA C 141 -3.27 30.91 -23.70
N GLU C 142 -3.20 31.99 -22.94
CA GLU C 142 -2.02 32.03 -22.11
C GLU C 142 -2.41 31.46 -20.76
N PRO C 143 -1.72 30.40 -20.34
CA PRO C 143 -2.02 29.82 -19.06
C PRO C 143 -1.82 30.92 -18.07
N LYS C 144 -2.67 30.89 -17.07
CA LYS C 144 -2.63 31.85 -16.01
C LYS C 144 -2.57 31.01 -14.76
N LEU C 145 -1.92 31.54 -13.75
CA LEU C 145 -1.81 30.81 -12.51
C LEU C 145 -3.15 31.01 -11.77
N ILE C 146 -3.84 29.93 -11.45
CA ILE C 146 -5.12 30.07 -10.74
C ILE C 146 -4.97 29.95 -9.22
N TYR C 147 -4.07 29.11 -8.77
CA TYR C 147 -3.94 28.93 -7.35
C TYR C 147 -2.65 28.18 -7.10
N GLU C 148 -2.07 28.35 -5.93
CA GLU C 148 -0.85 27.63 -5.61
C GLU C 148 -0.65 27.57 -4.13
N LYS C 149 -0.12 26.45 -3.67
CA LYS C 149 0.19 26.30 -2.26
C LYS C 149 1.50 25.51 -2.22
N LEU C 150 2.56 26.16 -1.72
CA LEU C 150 3.90 25.59 -1.66
C LEU C 150 4.61 25.78 -0.33
N PRO C 151 5.66 24.99 -0.14
CA PRO C 151 6.43 25.12 1.09
C PRO C 151 7.03 26.52 1.02
N ALA C 152 7.47 27.08 2.14
CA ALA C 152 8.02 28.43 2.13
C ALA C 152 9.54 28.38 2.09
N ASP C 153 10.03 27.18 2.32
CA ASP C 153 11.43 26.71 2.42
C ASP C 153 11.94 26.46 1.01
N ILE C 154 11.03 26.50 0.05
CA ILE C 154 11.29 26.14 -1.37
C ILE C 154 12.42 26.68 -2.21
N ARG C 155 12.80 27.92 -2.01
CA ARG C 155 13.87 28.42 -2.85
C ARG C 155 15.15 27.65 -2.60
N GLU C 156 15.16 26.98 -1.47
CA GLU C 156 16.26 26.19 -1.00
C GLU C 156 16.20 24.71 -1.35
N ARG C 157 15.15 24.32 -2.06
CA ARG C 157 15.03 22.89 -2.37
C ARG C 157 15.15 22.46 -3.82
N TRP C 158 15.27 21.15 -3.95
CA TRP C 158 15.30 20.52 -5.24
C TRP C 158 13.82 20.27 -5.39
N VAL C 159 13.30 20.44 -6.61
CA VAL C 159 11.91 20.20 -6.88
C VAL C 159 11.51 19.15 -7.92
N MET C 160 10.74 18.18 -7.45
CA MET C 160 10.22 17.10 -8.24
C MET C 160 8.89 17.62 -8.77
N LEU C 161 8.96 18.28 -9.92
CA LEU C 161 7.83 18.93 -10.58
C LEU C 161 7.10 17.84 -11.33
N LEU C 162 5.80 17.70 -11.08
CA LEU C 162 5.08 16.57 -11.69
C LEU C 162 3.93 16.84 -12.61
N ASP C 163 3.98 16.21 -13.77
CA ASP C 163 2.90 16.44 -14.72
C ASP C 163 3.05 15.38 -15.80
N PRO C 164 2.11 14.42 -15.85
CA PRO C 164 2.22 13.32 -16.80
C PRO C 164 2.23 13.58 -18.27
N MET C 165 1.48 14.54 -18.77
CA MET C 165 1.47 14.79 -20.20
C MET C 165 2.20 16.08 -20.44
N CYS C 166 2.91 16.18 -21.55
CA CYS C 166 3.60 17.41 -21.83
C CYS C 166 3.45 17.66 -23.31
N ALA C 167 2.29 18.21 -23.72
CA ALA C 167 1.95 18.47 -25.10
C ALA C 167 2.56 19.80 -25.63
N THR C 168 1.91 20.92 -25.39
CA THR C 168 2.44 22.20 -25.84
C THR C 168 3.49 22.69 -24.88
N ALA C 169 3.47 22.17 -23.65
CA ALA C 169 4.41 22.56 -22.60
C ALA C 169 4.07 23.92 -22.01
N GLY C 170 2.95 24.48 -22.47
CA GLY C 170 2.51 25.76 -21.96
C GLY C 170 2.39 25.73 -20.44
N SER C 171 1.81 24.66 -19.91
CA SER C 171 1.65 24.58 -18.46
C SER C 171 2.89 24.39 -17.63
N VAL C 172 3.77 23.51 -18.06
CA VAL C 172 4.94 23.29 -17.25
C VAL C 172 5.90 24.49 -17.27
N CYS C 173 5.83 25.24 -18.37
CA CYS C 173 6.69 26.42 -18.46
C CYS C 173 6.14 27.48 -17.49
N LYS C 174 4.82 27.62 -17.45
CA LYS C 174 4.21 28.56 -16.50
C LYS C 174 4.50 28.17 -15.05
N ALA C 175 4.57 26.88 -14.79
CA ALA C 175 4.84 26.44 -13.43
C ALA C 175 6.28 26.75 -13.14
N ILE C 176 7.11 26.48 -14.14
CA ILE C 176 8.52 26.72 -14.01
C ILE C 176 8.74 28.20 -13.73
N GLU C 177 8.06 29.02 -14.53
CA GLU C 177 8.08 30.47 -14.34
C GLU C 177 7.79 30.94 -12.92
N VAL C 178 6.76 30.37 -12.28
CA VAL C 178 6.49 30.79 -10.90
C VAL C 178 7.49 30.26 -9.88
N LEU C 179 7.92 29.02 -10.07
CA LEU C 179 8.91 28.43 -9.18
C LEU C 179 10.12 29.34 -9.21
N LEU C 180 10.49 29.72 -10.43
CA LEU C 180 11.66 30.59 -10.67
C LEU C 180 11.49 31.91 -9.91
N ARG C 181 10.30 32.51 -10.09
CA ARG C 181 9.95 33.76 -9.42
C ARG C 181 10.07 33.57 -7.93
N LEU C 182 9.78 32.38 -7.45
CA LEU C 182 9.87 32.18 -6.01
C LEU C 182 11.30 32.05 -5.53
N GLY C 183 12.24 31.84 -6.46
CA GLY C 183 13.65 31.70 -6.09
C GLY C 183 14.20 30.27 -6.19
N VAL C 184 13.46 29.39 -6.85
CA VAL C 184 13.95 28.05 -6.98
C VAL C 184 15.06 28.08 -8.07
N LYS C 185 16.21 27.48 -7.79
CA LYS C 185 17.30 27.44 -8.76
C LYS C 185 16.88 26.53 -9.92
N GLU C 186 16.89 27.10 -11.14
CA GLU C 186 16.51 26.41 -12.35
C GLU C 186 17.17 25.04 -12.54
N GLU C 187 18.42 24.91 -12.13
CA GLU C 187 19.10 23.64 -12.32
C GLU C 187 18.72 22.66 -11.24
N ARG C 188 17.88 23.11 -10.29
CA ARG C 188 17.42 22.27 -9.20
C ARG C 188 16.00 21.74 -9.42
N ILE C 189 15.53 21.80 -10.66
CA ILE C 189 14.19 21.35 -10.97
C ILE C 189 14.18 20.06 -11.78
N ILE C 190 13.58 19.02 -11.21
CA ILE C 190 13.44 17.75 -11.90
C ILE C 190 11.99 17.55 -12.32
N PHE C 191 11.78 17.65 -13.62
CA PHE C 191 10.48 17.51 -14.26
C PHE C 191 10.17 16.06 -14.51
N VAL C 192 9.18 15.53 -13.77
CA VAL C 192 8.75 14.13 -13.91
C VAL C 192 7.54 14.02 -14.85
N ASN C 193 7.77 13.27 -15.93
CA ASN C 193 6.79 13.13 -17.00
C ASN C 193 6.55 11.71 -17.49
N ILE C 194 5.36 11.45 -18.03
CA ILE C 194 5.09 10.12 -18.57
C ILE C 194 5.21 10.06 -20.11
N LEU C 195 4.53 10.99 -20.74
CA LEU C 195 4.45 11.13 -22.17
C LEU C 195 4.74 12.61 -22.52
N ALA C 196 5.64 12.80 -23.47
CA ALA C 196 5.97 14.13 -23.95
C ALA C 196 5.81 14.10 -25.48
N ALA C 197 5.76 15.29 -26.08
CA ALA C 197 5.71 15.46 -27.52
C ALA C 197 6.96 16.31 -27.73
N PRO C 198 7.70 15.99 -28.78
CA PRO C 198 8.96 16.66 -29.12
C PRO C 198 8.83 18.17 -28.99
N GLN C 199 7.78 18.66 -29.65
CA GLN C 199 7.44 20.07 -29.66
C GLN C 199 7.44 20.59 -28.22
N GLY C 200 6.83 19.82 -27.34
CA GLY C 200 6.81 20.22 -25.94
C GLY C 200 8.21 20.19 -25.36
N ILE C 201 8.95 19.12 -25.61
CA ILE C 201 10.30 19.04 -25.06
C ILE C 201 11.16 20.23 -25.48
N GLU C 202 10.99 20.57 -26.74
CA GLU C 202 11.73 21.65 -27.33
C GLU C 202 11.48 22.96 -26.63
N ARG C 203 10.22 23.27 -26.36
CA ARG C 203 9.93 24.54 -25.68
C ARG C 203 10.49 24.56 -24.28
N VAL C 204 10.43 23.42 -23.60
CA VAL C 204 10.94 23.42 -22.23
C VAL C 204 12.43 23.81 -22.20
N PHE C 205 13.19 23.18 -23.09
CA PHE C 205 14.62 23.46 -23.14
C PHE C 205 15.04 24.83 -23.71
N LYS C 206 14.30 25.30 -24.70
CA LYS C 206 14.56 26.62 -25.22
C LYS C 206 14.31 27.59 -24.05
N GLU C 207 13.20 27.47 -23.32
CA GLU C 207 12.99 28.39 -22.20
C GLU C 207 13.84 28.15 -21.00
N TYR C 208 13.88 26.92 -20.51
CA TYR C 208 14.68 26.65 -19.29
C TYR C 208 15.51 25.39 -19.46
N PRO C 209 16.68 25.60 -20.03
CA PRO C 209 17.65 24.56 -20.40
C PRO C 209 18.47 23.87 -19.35
N LYS C 210 18.55 24.49 -18.20
CA LYS C 210 19.30 24.06 -17.04
C LYS C 210 18.48 22.99 -16.24
N VAL C 211 17.27 22.74 -16.74
CA VAL C 211 16.43 21.79 -16.04
C VAL C 211 16.62 20.39 -16.60
N ARG C 212 16.27 19.41 -15.77
CA ARG C 212 16.37 18.02 -16.15
C ARG C 212 14.93 17.54 -16.32
N MET C 213 14.73 16.66 -17.29
CA MET C 213 13.42 16.11 -17.56
C MET C 213 13.53 14.61 -17.73
N VAL C 214 12.74 13.89 -16.94
CA VAL C 214 12.71 12.42 -16.97
C VAL C 214 11.34 12.02 -17.54
N THR C 215 11.32 11.24 -18.59
CA THR C 215 10.03 10.89 -19.20
C THR C 215 10.00 9.38 -19.44
N ALA C 216 8.86 8.86 -19.84
CA ALA C 216 8.77 7.43 -20.07
C ALA C 216 8.43 7.25 -21.51
N ALA C 217 8.03 8.32 -22.19
CA ALA C 217 7.69 8.16 -23.62
C ALA C 217 7.66 9.41 -24.44
N VAL C 218 7.96 9.26 -25.73
CA VAL C 218 7.94 10.37 -26.68
C VAL C 218 7.09 9.97 -27.87
N ASP C 219 5.96 10.64 -28.06
CA ASP C 219 5.10 10.31 -29.18
C ASP C 219 5.46 11.07 -30.41
N ILE C 220 4.71 10.79 -31.46
CA ILE C 220 4.96 11.45 -32.71
C ILE C 220 4.51 12.90 -32.91
N CYS C 221 3.24 13.20 -32.72
CA CYS C 221 2.78 14.58 -32.87
C CYS C 221 1.65 15.01 -31.96
N LEU C 222 1.39 16.31 -31.97
CA LEU C 222 0.36 16.97 -31.18
C LEU C 222 -0.71 17.21 -32.22
N ASN C 223 -1.96 17.30 -31.84
CA ASN C 223 -2.98 17.49 -32.88
C ASN C 223 -3.69 18.83 -32.77
N SER C 224 -4.61 19.10 -33.69
CA SER C 224 -5.37 20.36 -33.73
C SER C 224 -6.03 20.77 -32.42
N ARG C 225 -6.47 19.79 -31.63
CA ARG C 225 -7.10 20.03 -30.33
C ARG C 225 -6.03 19.88 -29.27
N TYR C 226 -4.78 19.81 -29.73
CA TYR C 226 -3.64 19.76 -28.83
C TYR C 226 -3.37 18.49 -28.05
N TYR C 227 -3.88 17.40 -28.58
CA TYR C 227 -3.66 16.11 -27.96
C TYR C 227 -2.50 15.37 -28.61
N ILE C 228 -1.68 14.74 -27.78
CA ILE C 228 -0.55 13.96 -28.27
C ILE C 228 -1.06 12.69 -28.95
N VAL C 229 -0.43 12.32 -30.08
CA VAL C 229 -0.77 11.10 -30.82
C VAL C 229 0.46 10.20 -31.06
N PRO C 230 0.31 8.87 -30.98
CA PRO C 230 -0.97 8.19 -30.71
C PRO C 230 -1.57 8.57 -29.33
N GLY C 231 -0.73 8.98 -28.38
CA GLY C 231 -1.10 9.47 -27.05
C GLY C 231 -1.96 8.60 -26.16
N ILE C 232 -2.44 9.18 -25.05
CA ILE C 232 -3.29 8.45 -24.09
C ILE C 232 -4.70 9.02 -23.95
N GLY C 233 -4.91 10.24 -24.45
CA GLY C 233 -6.20 10.93 -24.39
C GLY C 233 -6.03 11.88 -23.24
N ASP C 234 -7.11 12.20 -22.53
CA ASP C 234 -6.97 13.13 -21.40
C ASP C 234 -6.55 12.28 -20.19
N PHE C 235 -5.37 12.53 -19.66
CA PHE C 235 -4.93 11.75 -18.55
C PHE C 235 -5.78 11.99 -17.31
N GLY C 236 -5.91 13.26 -16.89
CA GLY C 236 -6.65 13.67 -15.68
C GLY C 236 -7.99 12.96 -15.53
N ASP C 237 -8.84 13.12 -16.51
CA ASP C 237 -10.08 12.48 -16.36
C ASP C 237 -10.17 11.00 -16.54
N ARG C 238 -9.19 10.39 -17.22
CA ARG C 238 -9.15 8.94 -17.38
C ARG C 238 -8.74 8.39 -16.00
N TYR C 239 -7.72 8.99 -15.38
CA TYR C 239 -7.29 8.53 -14.09
C TYR C 239 -8.27 8.84 -12.96
N PHE C 240 -8.94 9.98 -13.07
CA PHE C 240 -9.84 10.41 -12.00
C PHE C 240 -11.24 10.05 -12.25
N GLY C 241 -11.43 9.54 -13.44
CA GLY C 241 -12.73 9.09 -13.87
C GLY C 241 -13.76 10.20 -14.07
N THR C 242 -13.35 11.35 -14.59
CA THR C 242 -14.35 12.37 -14.81
C THR C 242 -14.63 12.53 -16.27
N MET C 243 -14.20 11.54 -17.02
CA MET C 243 -14.40 11.57 -18.46
C MET C 243 -15.84 11.16 -18.72
N GLN D 20 -31.52 -17.77 15.09
CA GLN D 20 -30.53 -18.81 14.80
C GLN D 20 -29.08 -18.47 15.20
N GLU D 21 -28.50 -17.54 14.47
CA GLU D 21 -27.14 -17.12 14.71
C GLU D 21 -27.11 -16.23 15.94
N GLU D 22 -28.12 -15.38 16.08
CA GLU D 22 -28.17 -14.46 17.20
C GLU D 22 -28.14 -15.20 18.52
N SER D 23 -28.68 -16.40 18.52
CA SER D 23 -28.68 -17.19 19.72
C SER D 23 -27.25 -17.46 20.11
N ILE D 24 -26.64 -18.30 19.26
CA ILE D 24 -25.28 -18.77 19.36
C ILE D 24 -24.42 -17.62 19.79
N LEU D 25 -24.58 -16.54 19.04
CA LEU D 25 -23.83 -15.33 19.31
C LEU D 25 -23.99 -14.98 20.77
N GLN D 26 -25.26 -14.89 21.14
CA GLN D 26 -25.59 -14.57 22.51
C GLN D 26 -24.92 -15.52 23.50
N ASP D 27 -25.09 -16.82 23.25
CA ASP D 27 -24.56 -17.86 24.13
C ASP D 27 -23.10 -17.68 24.35
N ILE D 28 -22.38 -17.51 23.25
CA ILE D 28 -20.93 -17.34 23.34
C ILE D 28 -20.57 -16.03 24.02
N ILE D 29 -21.29 -14.98 23.62
CA ILE D 29 -21.08 -13.68 24.21
C ILE D 29 -21.29 -13.81 25.72
N THR D 30 -22.27 -14.60 26.10
CA THR D 30 -22.54 -14.76 27.51
C THR D 30 -21.59 -15.66 28.29
N ARG D 31 -21.30 -16.82 27.70
CA ARG D 31 -20.44 -17.84 28.32
C ARG D 31 -19.00 -17.57 28.25
N PHE D 32 -18.61 -16.77 27.26
CA PHE D 32 -17.21 -16.43 27.04
C PHE D 32 -16.88 -14.96 27.07
N PRO D 33 -16.62 -14.49 28.27
CA PRO D 33 -16.33 -13.09 28.53
C PRO D 33 -15.08 -12.50 27.86
N ASN D 34 -14.12 -13.35 27.53
CA ASN D 34 -12.91 -12.86 26.89
C ASN D 34 -12.96 -12.83 25.40
N VAL D 35 -14.09 -13.14 24.79
CA VAL D 35 -14.07 -13.07 23.35
C VAL D 35 -14.68 -11.75 23.00
N VAL D 36 -14.25 -11.22 21.86
CA VAL D 36 -14.79 -9.97 21.43
C VAL D 36 -15.10 -10.16 19.98
N LEU D 37 -16.39 -10.21 19.72
CA LEU D 37 -16.90 -10.39 18.38
C LEU D 37 -16.87 -9.03 17.75
N MET D 38 -16.49 -8.91 16.49
CA MET D 38 -16.54 -7.57 15.97
C MET D 38 -17.90 -7.08 15.47
N LYS D 39 -17.98 -5.76 15.38
CA LYS D 39 -19.15 -5.01 14.94
C LYS D 39 -19.77 -5.65 13.72
N GLN D 40 -20.98 -6.17 13.85
CA GLN D 40 -21.52 -6.77 12.66
C GLN D 40 -22.17 -5.80 11.74
N THR D 41 -21.37 -5.00 11.02
CA THR D 41 -21.91 -3.99 10.12
C THR D 41 -22.32 -4.56 8.80
N ALA D 42 -23.04 -3.79 7.98
CA ALA D 42 -23.42 -4.27 6.64
C ALA D 42 -22.18 -4.29 5.74
N GLN D 43 -21.18 -3.52 6.10
CA GLN D 43 -19.95 -3.49 5.33
C GLN D 43 -19.29 -4.87 5.58
N LEU D 44 -19.05 -5.19 6.86
CA LEU D 44 -18.46 -6.48 7.24
C LEU D 44 -19.16 -7.68 6.62
N ARG D 45 -20.47 -7.67 6.67
CA ARG D 45 -21.15 -8.80 6.12
C ARG D 45 -20.97 -8.87 4.63
N ALA D 46 -21.07 -7.72 3.97
CA ALA D 46 -20.82 -7.63 2.54
C ALA D 46 -19.44 -8.22 2.15
N MET D 47 -18.42 -7.93 2.93
CA MET D 47 -17.09 -8.46 2.68
C MET D 47 -17.17 -9.98 2.84
N MET D 48 -17.72 -10.36 3.98
CA MET D 48 -17.93 -11.73 4.37
C MET D 48 -18.68 -12.47 3.30
N THR D 49 -19.69 -11.84 2.71
CA THR D 49 -20.35 -12.60 1.66
C THR D 49 -19.49 -12.87 0.43
N ILE D 50 -18.64 -11.91 0.09
CA ILE D 50 -17.75 -12.04 -1.05
C ILE D 50 -16.73 -13.12 -0.80
N ILE D 51 -16.09 -13.09 0.38
CA ILE D 51 -15.08 -14.09 0.67
C ILE D 51 -15.59 -15.53 0.80
N ARG D 52 -16.84 -15.72 1.25
CA ARG D 52 -17.41 -17.06 1.40
C ARG D 52 -17.91 -17.60 0.07
N ASP D 53 -18.29 -16.73 -0.85
CA ASP D 53 -18.79 -17.25 -2.10
C ASP D 53 -17.78 -18.15 -2.83
N LYS D 54 -18.23 -19.35 -3.17
CA LYS D 54 -17.37 -20.31 -3.85
C LYS D 54 -17.03 -19.76 -5.24
N GLU D 55 -17.89 -18.90 -5.74
CA GLU D 55 -17.70 -18.32 -7.05
C GLU D 55 -16.67 -17.18 -7.12
N THR D 56 -16.22 -16.66 -5.99
CA THR D 56 -15.27 -15.54 -5.98
C THR D 56 -13.88 -15.89 -6.54
N PRO D 57 -13.33 -15.05 -7.44
CA PRO D 57 -12.01 -15.22 -8.06
C PRO D 57 -10.88 -14.82 -7.12
N LYS D 58 -9.76 -15.54 -7.20
CA LYS D 58 -8.60 -15.29 -6.34
C LYS D 58 -8.26 -13.84 -6.03
N GLU D 59 -8.40 -12.99 -7.02
CA GLU D 59 -8.06 -11.56 -6.89
C GLU D 59 -9.03 -10.78 -5.97
N GLU D 60 -10.31 -11.01 -6.23
CA GLU D 60 -11.37 -10.43 -5.46
C GLU D 60 -11.26 -11.00 -4.04
N PHE D 61 -11.03 -12.31 -3.95
CA PHE D 61 -10.86 -12.99 -2.69
C PHE D 61 -9.73 -12.37 -1.91
N VAL D 62 -8.52 -12.21 -2.50
CA VAL D 62 -7.47 -11.59 -1.70
C VAL D 62 -7.66 -10.11 -1.35
N PHE D 63 -8.27 -9.38 -2.26
CA PHE D 63 -8.49 -7.97 -2.00
C PHE D 63 -9.37 -7.78 -0.77
N TYR D 64 -10.53 -8.43 -0.84
CA TYR D 64 -11.53 -8.39 0.23
C TYR D 64 -11.08 -8.98 1.58
N ALA D 65 -10.34 -10.07 1.56
CA ALA D 65 -9.83 -10.65 2.80
C ALA D 65 -8.86 -9.68 3.43
N ASP D 66 -8.06 -9.05 2.57
CA ASP D 66 -7.05 -8.12 3.00
C ASP D 66 -7.68 -6.95 3.76
N ARG D 67 -8.75 -6.45 3.18
CA ARG D 67 -9.50 -5.32 3.74
C ARG D 67 -10.07 -5.69 5.11
N LEU D 68 -10.73 -6.86 5.12
CA LEU D 68 -11.35 -7.41 6.30
C LEU D 68 -10.29 -7.53 7.34
N ILE D 69 -9.17 -8.10 6.92
CA ILE D 69 -8.09 -8.30 7.87
C ILE D 69 -7.64 -7.01 8.55
N ARG D 70 -7.58 -5.93 7.78
CA ARG D 70 -7.16 -4.65 8.34
C ARG D 70 -8.05 -4.18 9.51
N LEU D 71 -9.34 -4.31 9.25
CA LEU D 71 -10.36 -3.94 10.22
C LEU D 71 -10.20 -4.75 11.50
N LEU D 72 -9.92 -6.05 11.31
CA LEU D 72 -9.74 -7.02 12.39
C LEU D 72 -8.52 -6.67 13.26
N ILE D 73 -7.42 -6.31 12.59
CA ILE D 73 -6.23 -5.96 13.37
C ILE D 73 -6.47 -4.68 14.18
N GLU D 74 -7.20 -3.75 13.55
CA GLU D 74 -7.49 -2.52 14.25
C GLU D 74 -8.24 -2.90 15.53
N GLU D 75 -9.35 -3.65 15.36
CA GLU D 75 -10.17 -4.13 16.49
C GLU D 75 -9.29 -4.71 17.61
N ALA D 76 -8.52 -5.71 17.20
CA ALA D 76 -7.60 -6.40 18.08
C ALA D 76 -6.62 -5.54 18.86
N LEU D 77 -6.06 -4.51 18.20
CA LEU D 77 -5.08 -3.72 18.89
C LEU D 77 -5.68 -2.99 20.05
N ASN D 78 -6.99 -2.91 20.08
CA ASN D 78 -7.63 -2.23 21.17
C ASN D 78 -7.53 -3.07 22.43
N GLU D 79 -7.07 -4.31 22.28
CA GLU D 79 -6.92 -5.21 23.42
C GLU D 79 -5.64 -4.99 24.24
N LEU D 80 -4.79 -4.06 23.85
CA LEU D 80 -3.55 -3.82 24.59
C LEU D 80 -3.70 -2.79 25.69
N PRO D 81 -2.75 -2.76 26.61
CA PRO D 81 -2.77 -1.79 27.70
C PRO D 81 -2.26 -0.46 27.14
N PHE D 82 -2.83 0.63 27.63
CA PHE D 82 -2.40 1.91 27.12
C PHE D 82 -2.24 2.84 28.30
N GLN D 83 -1.41 3.87 28.13
CA GLN D 83 -1.24 4.78 29.22
C GLN D 83 -2.39 5.76 29.32
N LYS D 84 -2.06 7.03 29.18
CA LYS D 84 -2.95 8.19 29.25
C LYS D 84 -1.91 9.26 28.97
N LYS D 85 -2.26 10.28 28.19
CA LYS D 85 -1.28 11.27 27.81
C LYS D 85 -1.82 12.66 27.50
N GLU D 86 -1.18 13.66 28.09
CA GLU D 86 -1.57 15.03 27.84
C GLU D 86 -0.64 15.58 26.75
N VAL D 87 -1.21 16.17 25.72
CA VAL D 87 -0.37 16.74 24.69
C VAL D 87 -0.87 18.16 24.55
N THR D 88 -0.01 19.04 24.09
CA THR D 88 -0.48 20.39 23.86
C THR D 88 -0.58 20.47 22.37
N THR D 89 -1.68 21.06 21.97
CA THR D 89 -1.99 21.26 20.59
C THR D 89 -1.33 22.52 19.95
N PRO D 90 -1.39 22.63 18.63
CA PRO D 90 -0.89 23.78 17.92
C PRO D 90 -1.65 25.02 18.42
N LEU D 91 -2.89 24.85 18.84
CA LEU D 91 -3.61 25.99 19.36
C LEU D 91 -3.08 26.29 20.73
N ASP D 92 -2.05 25.58 21.11
CA ASP D 92 -1.47 25.83 22.40
C ASP D 92 -2.30 25.52 23.63
N VAL D 93 -3.20 24.57 23.50
CA VAL D 93 -4.02 24.15 24.62
C VAL D 93 -3.71 22.68 24.78
N SER D 94 -3.64 22.23 26.03
CA SER D 94 -3.37 20.83 26.30
C SER D 94 -4.49 19.94 25.81
N TYR D 95 -4.15 18.66 25.66
CA TYR D 95 -5.09 17.68 25.18
C TYR D 95 -4.84 16.35 25.89
N HIS D 96 -5.90 15.66 26.25
CA HIS D 96 -5.75 14.43 26.97
C HIS D 96 -6.10 13.23 26.19
N GLY D 97 -5.08 12.44 25.90
CA GLY D 97 -5.25 11.22 25.13
C GLY D 97 -4.67 10.00 25.84
N VAL D 98 -4.25 9.04 25.03
CA VAL D 98 -3.70 7.80 25.57
C VAL D 98 -2.50 7.44 24.72
N SER D 99 -1.70 6.49 25.20
CA SER D 99 -0.54 6.00 24.47
C SER D 99 -0.39 4.53 24.80
N PHE D 100 -0.20 3.71 23.79
CA PHE D 100 -0.01 2.28 24.03
C PHE D 100 1.50 2.12 24.26
N TYR D 101 1.90 1.58 25.41
CA TYR D 101 3.33 1.45 25.83
C TYR D 101 3.94 0.05 25.91
N SER D 102 3.16 -0.96 25.50
CA SER D 102 3.60 -2.34 25.57
C SER D 102 4.47 -2.76 24.39
N LYS D 103 5.25 -3.81 24.66
CA LYS D 103 6.15 -4.42 23.69
C LYS D 103 5.38 -5.57 23.11
N ILE D 104 5.20 -5.56 21.80
CA ILE D 104 4.45 -6.60 21.12
C ILE D 104 5.16 -7.33 19.96
N CYS D 105 4.42 -8.20 19.30
CA CYS D 105 4.93 -8.94 18.16
C CYS D 105 3.74 -9.74 17.65
N GLY D 106 3.80 -10.13 16.38
CA GLY D 106 2.76 -10.94 15.79
C GLY D 106 3.35 -12.33 15.69
N VAL D 107 2.53 -13.37 15.75
CA VAL D 107 3.03 -14.75 15.64
C VAL D 107 2.03 -15.42 14.76
N SER D 108 2.47 -15.74 13.55
CA SER D 108 1.62 -16.39 12.57
C SER D 108 1.73 -17.90 12.68
N ILE D 109 0.62 -18.52 12.33
CA ILE D 109 0.52 -19.96 12.33
C ILE D 109 0.65 -20.25 10.84
N VAL D 110 1.76 -20.88 10.49
CA VAL D 110 1.99 -21.12 9.08
C VAL D 110 0.96 -22.12 8.61
N ARG D 111 0.37 -21.98 7.42
CA ARG D 111 0.59 -20.93 6.42
C ARG D 111 -0.45 -19.81 6.54
N ALA D 112 -1.69 -20.25 6.79
CA ALA D 112 -2.86 -19.39 6.89
C ALA D 112 -2.65 -18.16 7.77
N GLY D 113 -2.00 -18.31 8.92
CA GLY D 113 -1.79 -17.12 9.73
C GLY D 113 -0.93 -16.08 8.99
N GLU D 114 -0.20 -16.51 7.97
CA GLU D 114 0.69 -15.60 7.25
C GLU D 114 0.02 -14.48 6.48
N SER D 115 -1.18 -14.77 5.99
CA SER D 115 -1.95 -13.76 5.27
C SER D 115 -2.24 -12.54 6.15
N MET D 116 -2.17 -12.67 7.46
CA MET D 116 -2.51 -11.53 8.30
C MET D 116 -1.29 -10.75 8.72
N GLU D 117 -0.11 -11.22 8.32
CA GLU D 117 1.11 -10.53 8.73
C GLU D 117 1.18 -9.16 8.03
N SER D 118 0.73 -9.13 6.78
CA SER D 118 0.75 -7.92 5.97
C SER D 118 -0.08 -6.85 6.61
N GLY D 119 -1.20 -7.27 7.15
CA GLY D 119 -2.09 -6.32 7.77
C GLY D 119 -1.50 -5.75 9.03
N LEU D 120 -0.84 -6.57 9.84
CA LEU D 120 -0.27 -6.09 11.09
C LEU D 120 0.86 -5.12 10.82
N ARG D 121 1.62 -5.44 9.79
CA ARG D 121 2.78 -4.65 9.41
C ARG D 121 2.30 -3.30 8.89
N ALA D 122 1.13 -3.32 8.26
CA ALA D 122 0.52 -2.11 7.74
C ALA D 122 0.15 -1.14 8.84
N VAL D 123 -0.35 -1.61 9.98
CA VAL D 123 -0.70 -0.66 11.01
C VAL D 123 0.42 -0.51 12.00
N CYS D 124 1.29 -1.52 12.05
CA CYS D 124 2.43 -1.49 12.96
C CYS D 124 3.80 -1.68 12.26
N ARG D 125 4.36 -0.61 11.71
CA ARG D 125 5.64 -0.64 11.02
C ARG D 125 6.78 -1.33 11.76
N GLY D 126 7.32 -2.41 11.18
CA GLY D 126 8.48 -3.10 11.76
C GLY D 126 8.27 -3.88 13.04
N VAL D 127 7.03 -4.33 13.25
CA VAL D 127 6.68 -5.12 14.42
C VAL D 127 7.30 -6.47 14.13
N ARG D 128 7.93 -7.06 15.14
CA ARG D 128 8.55 -8.35 14.98
C ARG D 128 7.50 -9.42 14.66
N ILE D 129 7.83 -10.32 13.73
CA ILE D 129 6.94 -11.41 13.32
C ILE D 129 7.52 -12.82 13.63
N GLY D 130 6.94 -13.56 14.57
CA GLY D 130 7.39 -14.91 14.88
C GLY D 130 6.58 -15.81 13.94
N LYS D 131 7.08 -17.03 13.71
CA LYS D 131 6.34 -17.97 12.87
C LYS D 131 6.33 -19.36 13.52
N ILE D 132 5.15 -20.01 13.47
CA ILE D 132 5.02 -21.34 14.04
C ILE D 132 4.33 -22.25 13.05
N LEU D 133 5.00 -23.34 12.66
CA LEU D 133 4.44 -24.32 11.73
C LEU D 133 4.03 -25.59 12.50
N ILE D 134 2.73 -25.81 12.55
CA ILE D 134 2.19 -26.95 13.30
C ILE D 134 1.56 -27.80 12.24
N GLN D 135 1.70 -29.12 12.37
CA GLN D 135 1.10 -29.98 11.39
C GLN D 135 0.59 -31.26 12.05
N ARG D 136 -0.59 -31.71 11.63
CA ARG D 136 -1.14 -32.92 12.20
C ARG D 136 -0.54 -34.17 11.58
N ASP D 137 -0.08 -35.12 12.41
CA ASP D 137 0.48 -36.37 11.88
C ASP D 137 -0.53 -37.00 10.92
N GLU D 138 -0.07 -37.44 9.76
CA GLU D 138 -0.98 -37.99 8.76
C GLU D 138 -1.68 -39.28 9.04
N THR D 139 -1.27 -39.94 10.10
CA THR D 139 -1.89 -41.21 10.46
C THR D 139 -2.65 -40.94 11.75
N THR D 140 -1.82 -40.48 12.68
CA THR D 140 -2.17 -40.13 14.03
C THR D 140 -3.07 -38.91 14.23
N ALA D 141 -3.14 -38.01 13.26
CA ALA D 141 -4.00 -36.85 13.41
C ALA D 141 -3.56 -35.82 14.38
N GLU D 142 -2.48 -36.06 15.09
CA GLU D 142 -2.16 -35.02 16.02
C GLU D 142 -1.20 -33.92 15.63
N PRO D 143 -1.35 -32.84 16.35
CA PRO D 143 -0.57 -31.66 16.16
C PRO D 143 0.85 -31.88 16.67
N LYS D 144 1.79 -31.52 15.82
CA LYS D 144 3.18 -31.60 16.17
C LYS D 144 3.75 -30.26 15.71
N LEU D 145 4.67 -29.73 16.50
CA LEU D 145 5.27 -28.46 16.14
C LEU D 145 6.30 -28.86 15.05
N ILE D 146 6.24 -28.27 13.87
CA ILE D 146 7.22 -28.70 12.87
C ILE D 146 8.42 -27.78 12.76
N TYR D 147 8.12 -26.50 12.81
CA TYR D 147 9.11 -25.45 12.70
C TYR D 147 8.62 -24.25 13.47
N GLU D 148 9.56 -23.56 14.07
CA GLU D 148 9.27 -22.36 14.81
C GLU D 148 10.50 -21.44 14.79
N LYS D 149 10.24 -20.16 14.55
CA LYS D 149 11.22 -19.08 14.53
C LYS D 149 10.59 -17.86 15.20
N LEU D 150 10.99 -17.58 16.44
CA LEU D 150 10.38 -16.51 17.21
C LEU D 150 11.39 -15.56 17.77
N PRO D 151 10.88 -14.45 18.28
CA PRO D 151 11.68 -13.41 18.88
C PRO D 151 12.32 -13.94 20.14
N ALA D 152 13.53 -13.52 20.40
CA ALA D 152 14.19 -14.01 21.57
C ALA D 152 13.59 -13.53 22.87
N ASP D 153 13.06 -12.30 22.91
CA ASP D 153 12.52 -11.82 24.17
C ASP D 153 11.02 -12.01 24.28
N ILE D 154 10.51 -12.92 23.45
CA ILE D 154 9.08 -13.19 23.39
C ILE D 154 8.45 -13.36 24.79
N ARG D 155 9.24 -13.89 25.74
CA ARG D 155 8.72 -14.07 27.07
C ARG D 155 8.29 -12.75 27.64
N GLU D 156 8.91 -11.67 27.19
CA GLU D 156 8.56 -10.36 27.72
C GLU D 156 7.56 -9.52 26.91
N ARG D 157 6.96 -10.12 25.89
CA ARG D 157 6.00 -9.42 25.03
C ARG D 157 4.52 -9.86 25.02
N TRP D 158 3.72 -9.03 24.36
CA TRP D 158 2.29 -9.28 24.13
C TRP D 158 2.25 -9.95 22.76
N VAL D 159 1.63 -11.12 22.73
CA VAL D 159 1.56 -11.90 21.51
C VAL D 159 0.25 -11.81 20.75
N MET D 160 0.36 -11.29 19.54
CA MET D 160 -0.76 -11.21 18.63
C MET D 160 -0.69 -12.51 17.81
N LEU D 161 -1.44 -13.52 18.23
CA LEU D 161 -1.40 -14.79 17.53
C LEU D 161 -2.34 -14.73 16.36
N LEU D 162 -1.85 -15.04 15.16
CA LEU D 162 -2.67 -14.99 13.95
C LEU D 162 -3.05 -16.32 13.30
N ASP D 163 -4.34 -16.58 13.14
CA ASP D 163 -4.84 -17.81 12.51
C ASP D 163 -6.31 -17.61 12.12
N PRO D 164 -6.55 -17.41 10.83
CA PRO D 164 -7.88 -17.12 10.28
C PRO D 164 -9.03 -18.00 10.68
N MET D 165 -8.72 -19.24 10.96
CA MET D 165 -9.76 -20.19 11.27
C MET D 165 -9.59 -20.92 12.59
N CYS D 166 -10.71 -21.19 13.24
CA CYS D 166 -10.75 -21.92 14.49
C CYS D 166 -11.91 -22.93 14.41
N ALA D 167 -11.60 -24.13 13.94
CA ALA D 167 -12.58 -25.21 13.79
C ALA D 167 -12.55 -26.04 15.07
N THR D 168 -11.56 -26.93 15.20
CA THR D 168 -11.43 -27.72 16.42
C THR D 168 -10.44 -27.09 17.41
N ALA D 169 -9.73 -26.04 17.00
CA ALA D 169 -8.81 -25.38 17.92
C ALA D 169 -7.56 -26.18 18.20
N GLY D 170 -7.40 -27.25 17.43
CA GLY D 170 -6.22 -28.09 17.61
C GLY D 170 -4.91 -27.32 17.43
N SER D 171 -4.83 -26.61 16.32
CA SER D 171 -3.63 -25.88 16.02
C SER D 171 -3.34 -24.81 17.02
N VAL D 172 -4.30 -23.90 17.18
CA VAL D 172 -4.05 -22.81 18.09
C VAL D 172 -3.67 -23.30 19.48
N CYS D 173 -4.33 -24.37 19.91
CA CYS D 173 -4.01 -24.88 21.23
C CYS D 173 -2.57 -25.35 21.32
N LYS D 174 -2.09 -26.05 20.30
CA LYS D 174 -0.70 -26.50 20.30
C LYS D 174 0.16 -25.25 20.25
N ALA D 175 -0.26 -24.27 19.44
CA ALA D 175 0.48 -23.01 19.33
C ALA D 175 0.60 -22.31 20.66
N ILE D 176 -0.48 -22.25 21.45
CA ILE D 176 -0.38 -21.57 22.77
C ILE D 176 0.57 -22.32 23.74
N GLU D 177 0.48 -23.65 23.71
CA GLU D 177 1.32 -24.48 24.55
C GLU D 177 2.79 -24.18 24.32
N VAL D 178 3.18 -24.17 23.05
CA VAL D 178 4.57 -23.89 22.78
C VAL D 178 4.96 -22.53 23.26
N LEU D 179 4.09 -21.55 22.97
CA LEU D 179 4.32 -20.18 23.46
C LEU D 179 4.52 -20.20 24.95
N LEU D 180 3.64 -20.90 25.66
CA LEU D 180 3.79 -20.95 27.12
C LEU D 180 5.06 -21.65 27.63
N ARG D 181 5.57 -22.64 26.89
CA ARG D 181 6.78 -23.34 27.30
C ARG D 181 7.95 -22.43 27.15
N LEU D 182 7.80 -21.43 26.30
CA LEU D 182 8.86 -20.48 26.08
C LEU D 182 8.83 -19.48 27.19
N GLY D 183 7.66 -19.23 27.75
CA GLY D 183 7.60 -18.28 28.84
C GLY D 183 6.61 -17.12 28.69
N VAL D 184 5.88 -17.08 27.58
CA VAL D 184 4.92 -15.99 27.44
C VAL D 184 3.77 -16.10 28.48
N LYS D 185 3.26 -14.97 28.95
CA LYS D 185 2.20 -14.97 29.94
C LYS D 185 0.89 -15.23 29.18
N GLU D 186 0.11 -16.22 29.64
CA GLU D 186 -1.17 -16.62 29.02
C GLU D 186 -2.12 -15.44 28.83
N GLU D 187 -2.15 -14.60 29.84
CA GLU D 187 -3.03 -13.47 29.78
C GLU D 187 -2.51 -12.45 28.75
N ARG D 188 -1.30 -12.64 28.20
CA ARG D 188 -0.75 -11.69 27.23
C ARG D 188 -0.92 -12.11 25.80
N ILE D 189 -1.58 -13.25 25.56
CA ILE D 189 -1.81 -13.73 24.20
C ILE D 189 -3.14 -13.22 23.73
N ILE D 190 -3.16 -12.65 22.53
CA ILE D 190 -4.37 -12.11 21.91
C ILE D 190 -4.60 -12.87 20.61
N PHE D 191 -5.48 -13.86 20.69
CA PHE D 191 -5.77 -14.70 19.57
C PHE D 191 -6.68 -13.99 18.56
N VAL D 192 -6.06 -13.59 17.46
CA VAL D 192 -6.75 -12.89 16.37
C VAL D 192 -7.32 -13.86 15.31
N ASN D 193 -8.65 -13.87 15.14
CA ASN D 193 -9.28 -14.84 14.26
C ASN D 193 -10.35 -14.23 13.35
N ILE D 194 -10.57 -14.80 12.19
CA ILE D 194 -11.57 -14.26 11.30
C ILE D 194 -12.88 -14.99 11.55
N LEU D 195 -12.81 -16.32 11.43
CA LEU D 195 -13.97 -17.17 11.58
C LEU D 195 -13.79 -18.26 12.61
N ALA D 196 -14.81 -18.45 13.43
CA ALA D 196 -14.75 -19.50 14.43
C ALA D 196 -16.01 -20.37 14.49
N ALA D 197 -15.84 -21.51 15.16
CA ALA D 197 -16.89 -22.47 15.36
C ALA D 197 -16.91 -22.54 16.89
N PRO D 198 -18.12 -22.52 17.41
CA PRO D 198 -18.38 -22.50 18.86
C PRO D 198 -17.52 -23.41 19.72
N GLN D 199 -17.38 -24.64 19.27
CA GLN D 199 -16.59 -25.58 20.05
C GLN D 199 -15.10 -25.26 20.16
N GLY D 200 -14.60 -24.63 19.11
CA GLY D 200 -13.19 -24.21 19.07
C GLY D 200 -13.04 -23.18 20.16
N ILE D 201 -13.98 -22.25 20.18
CA ILE D 201 -13.97 -21.23 21.20
C ILE D 201 -14.00 -21.93 22.53
N GLU D 202 -14.96 -22.83 22.63
CA GLU D 202 -15.13 -23.59 23.86
C GLU D 202 -13.85 -24.25 24.33
N ARG D 203 -13.27 -25.03 23.41
CA ARG D 203 -12.02 -25.71 23.69
C ARG D 203 -10.88 -24.74 24.10
N VAL D 204 -10.72 -23.66 23.32
CA VAL D 204 -9.65 -22.71 23.61
C VAL D 204 -9.73 -22.30 25.05
N PHE D 205 -10.96 -21.94 25.38
CA PHE D 205 -11.29 -21.48 26.70
C PHE D 205 -11.24 -22.49 27.82
N LYS D 206 -11.57 -23.75 27.51
CA LYS D 206 -11.43 -24.75 28.56
C LYS D 206 -9.97 -24.89 28.95
N GLU D 207 -9.09 -24.98 27.93
CA GLU D 207 -7.64 -25.14 28.13
C GLU D 207 -6.87 -23.86 28.50
N TYR D 208 -7.21 -22.74 27.87
CA TYR D 208 -6.52 -21.51 28.19
C TYR D 208 -7.55 -20.42 28.32
N PRO D 209 -7.96 -20.22 29.55
CA PRO D 209 -8.99 -19.26 29.94
C PRO D 209 -8.53 -17.83 30.00
N LYS D 210 -7.25 -17.59 30.27
CA LYS D 210 -6.77 -16.22 30.36
C LYS D 210 -6.33 -15.52 29.04
N VAL D 211 -6.60 -16.14 27.90
CA VAL D 211 -6.22 -15.54 26.62
C VAL D 211 -7.36 -14.67 26.11
N ARG D 212 -7.07 -13.78 25.16
CA ARG D 212 -8.06 -12.87 24.62
C ARG D 212 -8.26 -13.31 23.18
N MET D 213 -9.48 -13.21 22.69
CA MET D 213 -9.77 -13.65 21.35
C MET D 213 -10.69 -12.64 20.67
N VAL D 214 -10.25 -12.15 19.52
CA VAL D 214 -11.05 -11.20 18.76
C VAL D 214 -11.36 -11.93 17.45
N THR D 215 -12.57 -11.83 16.98
CA THR D 215 -12.89 -12.55 15.77
C THR D 215 -13.98 -11.81 15.01
N ALA D 216 -14.14 -12.21 13.76
CA ALA D 216 -15.12 -11.55 12.93
C ALA D 216 -16.41 -12.29 12.78
N ALA D 217 -16.34 -13.61 12.80
CA ALA D 217 -17.57 -14.36 12.66
C ALA D 217 -17.56 -15.61 13.54
N VAL D 218 -18.75 -16.04 13.96
CA VAL D 218 -18.86 -17.27 14.69
C VAL D 218 -19.83 -18.05 13.83
N ASP D 219 -19.44 -19.23 13.37
CA ASP D 219 -20.31 -20.05 12.53
C ASP D 219 -21.13 -21.06 13.34
N ILE D 220 -22.09 -21.70 12.67
CA ILE D 220 -22.99 -22.67 13.29
C ILE D 220 -22.34 -23.92 13.84
N CYS D 221 -21.89 -24.82 12.95
CA CYS D 221 -21.22 -26.07 13.35
C CYS D 221 -20.07 -26.48 12.42
N LEU D 222 -19.36 -27.52 12.83
CA LEU D 222 -18.24 -28.05 12.08
C LEU D 222 -18.84 -29.13 11.21
N ASN D 223 -18.15 -29.55 10.18
CA ASN D 223 -18.72 -30.61 9.38
C ASN D 223 -18.06 -31.96 9.61
N SER D 224 -18.48 -32.95 8.84
CA SER D 224 -17.96 -34.32 8.95
C SER D 224 -16.45 -34.37 8.76
N ARG D 225 -15.97 -33.45 7.94
CA ARG D 225 -14.56 -33.30 7.57
C ARG D 225 -13.89 -32.31 8.49
N TYR D 226 -14.60 -31.91 9.54
CA TYR D 226 -14.08 -30.95 10.50
C TYR D 226 -13.96 -29.59 9.85
N TYR D 227 -14.75 -29.41 8.80
CA TYR D 227 -14.77 -28.12 8.16
C TYR D 227 -15.90 -27.24 8.79
N ILE D 228 -15.58 -25.98 9.00
CA ILE D 228 -16.55 -25.04 9.56
C ILE D 228 -17.67 -24.87 8.56
N VAL D 229 -18.88 -24.73 9.09
CA VAL D 229 -20.09 -24.58 8.28
C VAL D 229 -21.01 -23.48 8.84
N PRO D 230 -21.61 -22.68 7.95
CA PRO D 230 -21.49 -22.74 6.48
C PRO D 230 -20.08 -22.46 5.92
N GLY D 231 -19.25 -21.86 6.76
CA GLY D 231 -17.85 -21.57 6.44
C GLY D 231 -17.35 -20.78 5.21
N ILE D 232 -16.06 -20.96 4.99
CA ILE D 232 -15.31 -20.29 3.95
C ILE D 232 -14.60 -21.26 3.06
N GLY D 233 -14.38 -22.47 3.56
CA GLY D 233 -13.66 -23.47 2.80
C GLY D 233 -12.22 -23.47 3.36
N ASP D 234 -11.24 -23.88 2.55
CA ASP D 234 -9.85 -23.88 3.03
C ASP D 234 -9.26 -22.48 2.77
N PHE D 235 -9.12 -21.71 3.84
CA PHE D 235 -8.64 -20.36 3.72
C PHE D 235 -7.29 -20.21 3.04
N GLY D 236 -6.27 -20.85 3.61
CA GLY D 236 -4.92 -20.79 3.05
C GLY D 236 -4.89 -21.19 1.57
N ASP D 237 -5.69 -22.16 1.18
CA ASP D 237 -5.67 -22.57 -0.22
C ASP D 237 -6.29 -21.53 -1.11
N ARG D 238 -7.28 -20.81 -0.58
CA ARG D 238 -7.99 -19.79 -1.34
C ARG D 238 -7.20 -18.48 -1.37
N TYR D 239 -6.50 -18.20 -0.28
CA TYR D 239 -5.70 -16.99 -0.21
C TYR D 239 -4.39 -17.04 -1.01
N PHE D 240 -3.71 -18.17 -0.97
CA PHE D 240 -2.44 -18.33 -1.65
C PHE D 240 -2.57 -18.84 -3.05
N GLY D 241 -3.70 -19.46 -3.34
CA GLY D 241 -3.95 -19.97 -4.68
C GLY D 241 -3.42 -21.38 -4.96
N THR D 242 -3.34 -22.23 -3.95
CA THR D 242 -2.86 -23.59 -4.15
C THR D 242 -4.13 -24.38 -4.14
N MET D 243 -5.15 -23.69 -4.60
CA MET D 243 -6.50 -24.17 -4.73
C MET D 243 -6.55 -25.59 -5.30
#